data_5ZYR
#
_entry.id   5ZYR
#
_cell.length_a   47.992
_cell.length_b   59.900
_cell.length_c   212.300
_cell.angle_alpha   90.000
_cell.angle_beta   90.000
_cell.angle_gamma   90.000
#
_symmetry.space_group_name_H-M   'P 21 21 21'
#
loop_
_entity.id
_entity.type
_entity.pdbx_description
1 polymer 'p-hydroxyphenylacetate 3-hydroxylase, reductase component'
2 non-polymer 'FLAVIN MONONUCLEOTIDE'
3 non-polymer 'ACETATE ION'
4 water water
#
_entity_poly.entity_id   1
_entity_poly.type   'polypeptide(L)'
_entity_poly.pdbx_seq_one_letter_code
;MNQLNTAIVEKEVIDPMAFRRALGNFATGVTIMTAQTSSGERVGVTANSFNSVSLDPALVLWSIDKKSSSYRIFEEATHF
GVNILSAAQIELSNRFARRSEDKFANIEFDLGVGNIPLFKNCSAAFECERYNIVEGGDHWIIIGRVVKFHDHGRSPLLYH
QGAYSAVLPHPSLNMKSETAEGVFPGRLYDNMYYLLTQAVRAYQNDYQPKQLASGFRTSEARLLLVLESKTASSKCDLQR
EVAMPIREIEEATKILSEKGLLIDNGQHYELTEQGNACAHMLYKIAESHQEEVFAKYTVDERKLFKNMLKDLIGI
;
_entity_poly.pdbx_strand_id   A,B
#
loop_
_chem_comp.id
_chem_comp.type
_chem_comp.name
_chem_comp.formula
ACT non-polymer 'ACETATE ION' 'C2 H3 O2 -1'
FMN non-polymer 'FLAVIN MONONUCLEOTIDE' 'C17 H21 N4 O9 P'
#
# COMPACT_ATOMS: atom_id res chain seq x y z
N GLU A 10 -19.19 -4.45 34.93
CA GLU A 10 -18.66 -3.35 34.11
C GLU A 10 -17.42 -3.78 33.30
N LYS A 11 -17.40 -3.42 32.03
CA LYS A 11 -16.34 -3.85 31.12
C LYS A 11 -15.80 -2.64 30.37
N GLU A 12 -14.48 -2.43 30.44
CA GLU A 12 -13.85 -1.31 29.76
C GLU A 12 -13.39 -1.72 28.36
N VAL A 13 -13.66 -0.84 27.41
CA VAL A 13 -13.38 -1.05 25.99
C VAL A 13 -12.80 0.26 25.46
N ILE A 14 -11.98 0.15 24.41
CA ILE A 14 -11.51 1.34 23.70
C ILE A 14 -12.61 1.83 22.77
N ASP A 15 -12.61 3.13 22.49
CA ASP A 15 -13.60 3.72 21.60
C ASP A 15 -13.50 3.07 20.23
N PRO A 16 -14.57 2.45 19.73
CA PRO A 16 -14.45 1.71 18.45
C PRO A 16 -14.18 2.62 17.28
N MET A 17 -14.70 3.84 17.30
CA MET A 17 -14.52 4.70 16.14
C MET A 17 -13.15 5.36 16.13
N ALA A 18 -12.57 5.65 17.29
CA ALA A 18 -11.16 6.06 17.30
C ALA A 18 -10.26 4.91 16.89
N PHE A 19 -10.60 3.69 17.32
CA PHE A 19 -9.82 2.52 16.96
C PHE A 19 -9.85 2.30 15.44
N ARG A 20 -11.02 2.40 14.84
CA ARG A 20 -11.11 2.25 13.39
C ARG A 20 -10.20 3.24 12.67
N ARG A 21 -10.21 4.49 13.12
CA ARG A 21 -9.33 5.50 12.53
C ARG A 21 -7.87 5.08 12.64
N ALA A 22 -7.44 4.64 13.85
CA ALA A 22 -6.05 4.20 14.04
C ALA A 22 -5.69 3.02 13.11
N LEU A 23 -6.60 2.07 12.92
CA LEU A 23 -6.34 0.96 11.99
C LEU A 23 -6.12 1.45 10.57
N GLY A 24 -6.64 2.65 10.24
CA GLY A 24 -6.44 3.21 8.93
C GLY A 24 -4.97 3.43 8.57
N ASN A 25 -4.08 3.46 9.56
CA ASN A 25 -2.64 3.56 9.29
C ASN A 25 -2.04 2.30 8.64
N PHE A 26 -2.68 1.14 8.76
CA PHE A 26 -2.17 -0.07 8.12
C PHE A 26 -2.69 -0.11 6.69
N ALA A 27 -1.80 0.10 5.72
CA ALA A 27 -2.23 0.06 4.34
C ALA A 27 -2.47 -1.39 3.93
N THR A 28 -3.42 -1.60 3.03
CA THR A 28 -3.70 -2.91 2.47
C THR A 28 -4.04 -2.78 1.00
N GLY A 29 -4.02 -3.92 0.30
CA GLY A 29 -4.77 -4.02 -0.92
C GLY A 29 -6.27 -4.14 -0.63
N VAL A 30 -7.01 -4.39 -1.70
CA VAL A 30 -8.46 -4.44 -1.68
C VAL A 30 -8.87 -5.73 -2.40
N THR A 31 -9.78 -6.48 -1.80
CA THR A 31 -10.24 -7.70 -2.42
C THR A 31 -11.76 -7.64 -2.56
N ILE A 32 -12.30 -8.52 -3.40
CA ILE A 32 -13.71 -8.88 -3.37
C ILE A 32 -13.78 -10.38 -3.12
N MET A 33 -14.54 -10.77 -2.09
CA MET A 33 -14.73 -12.16 -1.75
C MET A 33 -16.04 -12.60 -2.38
N THR A 34 -16.00 -13.75 -3.04
CA THR A 34 -17.15 -14.24 -3.80
C THR A 34 -17.40 -15.70 -3.48
N ALA A 35 -18.66 -16.10 -3.63
CA ALA A 35 -19.03 -17.50 -3.47
C ALA A 35 -20.37 -17.70 -4.15
N GLN A 36 -20.60 -18.92 -4.64
CA GLN A 36 -21.87 -19.30 -5.23
C GLN A 36 -22.19 -20.70 -4.76
N THR A 37 -23.38 -20.89 -4.17
CA THR A 37 -23.78 -22.18 -3.61
C THR A 37 -24.38 -23.06 -4.67
N SER A 38 -24.50 -24.36 -4.34
CA SER A 38 -25.08 -25.31 -5.27
C SER A 38 -26.48 -24.89 -5.72
N SER A 39 -27.24 -24.19 -4.87
CA SER A 39 -28.57 -23.76 -5.29
C SER A 39 -28.54 -22.55 -6.22
N GLY A 40 -27.38 -21.95 -6.48
CA GLY A 40 -27.26 -20.81 -7.37
C GLY A 40 -27.12 -19.46 -6.70
N GLU A 41 -27.30 -19.37 -5.37
CA GLU A 41 -27.14 -18.09 -4.68
C GLU A 41 -25.68 -17.63 -4.74
N ARG A 42 -25.44 -16.39 -5.18
CA ARG A 42 -24.07 -15.92 -5.27
C ARG A 42 -23.88 -14.60 -4.53
N VAL A 43 -22.70 -14.46 -3.88
CA VAL A 43 -22.36 -13.27 -3.13
C VAL A 43 -21.01 -12.72 -3.58
N GLY A 44 -20.80 -11.44 -3.29
CA GLY A 44 -19.55 -10.73 -3.48
C GLY A 44 -19.46 -9.61 -2.44
N VAL A 45 -18.35 -9.56 -1.71
CA VAL A 45 -18.18 -8.61 -0.61
C VAL A 45 -16.80 -7.96 -0.76
N THR A 46 -16.76 -6.64 -0.94
CA THR A 46 -15.48 -5.94 -0.86
C THR A 46 -14.89 -6.10 0.54
N ALA A 47 -13.61 -6.44 0.61
CA ALA A 47 -13.00 -6.72 1.90
C ALA A 47 -11.53 -6.30 1.83
N ASN A 48 -11.00 -5.77 2.96
CA ASN A 48 -9.55 -5.56 3.06
C ASN A 48 -8.96 -6.23 4.29
N SER A 49 -9.69 -7.13 4.95
CA SER A 49 -9.21 -7.88 6.10
C SER A 49 -8.47 -9.17 5.69
N PHE A 50 -8.19 -9.32 4.39
CA PHE A 50 -7.48 -10.48 3.87
C PHE A 50 -6.01 -10.50 4.31
N ASN A 51 -5.47 -11.72 4.51
CA ASN A 51 -4.03 -11.91 4.61
C ASN A 51 -3.73 -13.40 4.48
N SER A 52 -2.44 -13.71 4.30
CA SER A 52 -1.98 -15.08 4.26
C SER A 52 -1.70 -15.61 5.66
N VAL A 53 -1.81 -16.93 5.77
CA VAL A 53 -1.56 -17.66 7.00
C VAL A 53 -0.40 -18.62 6.84
N SER A 54 -0.45 -19.46 5.81
CA SER A 54 0.45 -20.60 5.76
C SER A 54 0.75 -20.95 4.30
N LEU A 55 1.98 -21.42 4.05
CA LEU A 55 2.41 -21.83 2.72
C LEU A 55 2.15 -23.31 2.46
N ASP A 56 2.22 -24.15 3.49
CA ASP A 56 2.02 -25.60 3.34
C ASP A 56 1.44 -26.09 4.66
N PRO A 57 0.13 -26.36 4.73
CA PRO A 57 -0.82 -26.15 3.64
C PRO A 57 -0.95 -24.69 3.25
N ALA A 58 -1.45 -24.45 2.03
CA ALA A 58 -1.71 -23.12 1.53
C ALA A 58 -2.98 -22.58 2.16
N LEU A 59 -2.84 -21.66 3.11
CA LEU A 59 -3.97 -21.12 3.84
C LEU A 59 -3.93 -19.60 3.81
N VAL A 60 -5.12 -18.99 3.68
CA VAL A 60 -5.31 -17.55 3.80
C VAL A 60 -6.53 -17.34 4.70
N LEU A 61 -6.75 -16.08 5.09
CA LEU A 61 -7.92 -15.79 5.93
C LEU A 61 -8.47 -14.41 5.58
N TRP A 62 -9.70 -14.17 6.01
CA TRP A 62 -10.29 -12.84 6.04
C TRP A 62 -11.34 -12.81 7.15
N SER A 63 -11.86 -11.62 7.45
CA SER A 63 -12.85 -11.45 8.50
C SER A 63 -14.11 -10.80 7.94
N ILE A 64 -15.27 -11.39 8.24
CA ILE A 64 -16.53 -10.86 7.76
C ILE A 64 -17.41 -10.52 8.96
N ASP A 65 -18.14 -9.42 8.83
CA ASP A 65 -19.04 -8.92 9.88
C ASP A 65 -20.13 -9.95 10.21
N LYS A 66 -20.29 -10.27 11.49
CA LYS A 66 -21.29 -11.25 11.92
C LYS A 66 -22.71 -10.86 11.55
N LYS A 67 -22.99 -9.57 11.36
CA LYS A 67 -24.31 -9.13 10.91
C LYS A 67 -24.45 -9.11 9.38
N SER A 68 -23.42 -9.54 8.65
CA SER A 68 -23.50 -9.54 7.19
C SER A 68 -24.62 -10.44 6.69
N SER A 69 -25.37 -9.94 5.70
CA SER A 69 -26.38 -10.76 5.05
C SER A 69 -25.77 -11.74 4.05
N SER A 70 -24.49 -11.60 3.76
CA SER A 70 -23.78 -12.53 2.89
C SER A 70 -23.15 -13.67 3.64
N TYR A 71 -22.95 -13.52 4.96
CA TYR A 71 -22.24 -14.55 5.71
C TYR A 71 -22.89 -15.94 5.52
N ARG A 72 -24.22 -16.01 5.55
CA ARG A 72 -24.86 -17.31 5.42
C ARG A 72 -24.43 -18.05 4.15
N ILE A 73 -24.09 -17.33 3.10
CA ILE A 73 -23.72 -18.04 1.88
C ILE A 73 -22.25 -18.48 1.93
N PHE A 74 -21.35 -17.64 2.46
CA PHE A 74 -19.98 -18.14 2.68
C PHE A 74 -19.97 -19.34 3.62
N GLU A 75 -20.86 -19.35 4.62
CA GLU A 75 -20.88 -20.48 5.54
C GLU A 75 -21.38 -21.75 4.85
N GLU A 76 -22.32 -21.62 3.91
CA GLU A 76 -22.90 -22.71 3.13
C GLU A 76 -21.99 -23.16 1.98
N ALA A 77 -21.46 -22.23 1.18
CA ALA A 77 -20.61 -22.61 0.05
C ALA A 77 -19.39 -23.38 0.53
N THR A 78 -19.05 -24.46 -0.19
CA THR A 78 -17.83 -25.20 0.10
C THR A 78 -16.57 -24.46 -0.37
N HIS A 79 -16.72 -23.49 -1.27
CA HIS A 79 -15.59 -22.81 -1.88
C HIS A 79 -15.88 -21.31 -1.95
N PHE A 80 -14.82 -20.51 -1.92
CA PHE A 80 -14.93 -19.06 -2.11
C PHE A 80 -13.67 -18.54 -2.81
N GLY A 81 -13.84 -17.40 -3.46
CA GLY A 81 -12.74 -16.75 -4.15
C GLY A 81 -12.29 -15.46 -3.49
N VAL A 82 -11.03 -15.12 -3.71
CA VAL A 82 -10.44 -13.84 -3.30
C VAL A 82 -9.93 -13.17 -4.56
N ASN A 83 -10.56 -12.07 -4.97
CA ASN A 83 -10.11 -11.30 -6.12
C ASN A 83 -9.33 -10.09 -5.60
N ILE A 84 -8.00 -10.04 -5.87
CA ILE A 84 -7.18 -8.86 -5.55
C ILE A 84 -7.38 -7.80 -6.63
N LEU A 85 -7.92 -6.64 -6.25
CA LEU A 85 -8.29 -5.63 -7.23
C LEU A 85 -7.08 -4.82 -7.70
N SER A 86 -7.09 -4.45 -8.98
CA SER A 86 -6.08 -3.60 -9.57
C SER A 86 -6.49 -2.13 -9.44
N ALA A 87 -5.49 -1.25 -9.65
CA ALA A 87 -5.66 0.20 -9.55
C ALA A 87 -6.84 0.70 -10.37
N ALA A 88 -7.13 0.05 -11.50
CA ALA A 88 -8.23 0.46 -12.37
C ALA A 88 -9.60 -0.08 -11.94
N GLN A 89 -9.73 -0.71 -10.75
CA GLN A 89 -11.00 -1.36 -10.41
C GLN A 89 -11.70 -0.70 -9.22
N ILE A 90 -11.52 0.61 -9.04
CA ILE A 90 -12.22 1.34 -8.00
C ILE A 90 -13.75 1.20 -8.15
N GLU A 91 -14.25 1.23 -9.39
CA GLU A 91 -15.69 1.09 -9.61
C GLU A 91 -16.21 -0.27 -9.12
N LEU A 92 -15.48 -1.35 -9.42
CA LEU A 92 -15.84 -2.66 -8.91
C LEU A 92 -15.81 -2.69 -7.39
N SER A 93 -14.75 -2.14 -6.80
CA SER A 93 -14.65 -2.06 -5.35
C SER A 93 -15.89 -1.39 -4.74
N ASN A 94 -16.28 -0.23 -5.29
CA ASN A 94 -17.44 0.46 -4.75
C ASN A 94 -18.71 -0.34 -4.97
N ARG A 95 -18.83 -0.99 -6.13
CA ARG A 95 -20.05 -1.74 -6.42
C ARG A 95 -20.26 -2.85 -5.39
N PHE A 96 -19.20 -3.54 -4.99
CA PHE A 96 -19.33 -4.69 -4.10
C PHE A 96 -19.20 -4.32 -2.62
N ALA A 97 -19.23 -3.03 -2.28
CA ALA A 97 -19.19 -2.55 -0.90
C ALA A 97 -20.56 -2.09 -0.39
N ARG A 98 -21.57 -2.02 -1.26
CA ARG A 98 -22.90 -1.51 -0.95
C ARG A 98 -23.91 -2.64 -1.10
N ARG A 99 -24.74 -2.86 -0.08
CA ARG A 99 -25.84 -3.80 -0.17
C ARG A 99 -26.68 -3.53 -1.42
N SER A 100 -27.08 -4.60 -2.11
CA SER A 100 -27.72 -4.39 -3.40
C SER A 100 -28.53 -5.61 -3.81
N GLU A 101 -29.61 -5.33 -4.53
CA GLU A 101 -30.46 -6.39 -5.07
C GLU A 101 -29.64 -7.37 -5.89
N ASP A 102 -28.81 -6.85 -6.80
CA ASP A 102 -27.92 -7.68 -7.62
C ASP A 102 -26.60 -6.93 -7.80
N LYS A 103 -25.64 -7.24 -6.92
CA LYS A 103 -24.31 -6.65 -7.07
C LYS A 103 -23.69 -7.02 -8.41
N PHE A 104 -24.02 -8.19 -8.94
CA PHE A 104 -23.38 -8.74 -10.13
C PHE A 104 -24.00 -8.25 -11.45
N ALA A 105 -24.97 -7.34 -11.42
CA ALA A 105 -25.64 -6.93 -12.65
C ALA A 105 -24.65 -6.25 -13.60
N ASN A 106 -24.69 -6.67 -14.87
CA ASN A 106 -23.82 -6.18 -15.93
C ASN A 106 -22.33 -6.29 -15.60
N ILE A 107 -21.95 -7.24 -14.75
CA ILE A 107 -20.55 -7.49 -14.44
C ILE A 107 -20.13 -8.80 -15.12
N GLU A 108 -19.03 -8.75 -15.86
CA GLU A 108 -18.49 -9.94 -16.51
C GLU A 108 -17.59 -10.70 -15.55
N PHE A 109 -17.78 -12.01 -15.48
CA PHE A 109 -16.99 -12.84 -14.59
C PHE A 109 -16.98 -14.27 -15.11
N ASP A 110 -15.98 -15.03 -14.69
CA ASP A 110 -15.84 -16.45 -14.96
C ASP A 110 -16.15 -17.25 -13.70
N LEU A 111 -16.32 -18.56 -13.88
CA LEU A 111 -16.53 -19.45 -12.74
C LEU A 111 -15.30 -20.35 -12.60
N GLY A 112 -14.84 -20.52 -11.36
CA GLY A 112 -13.77 -21.43 -11.04
C GLY A 112 -14.30 -22.72 -10.45
N VAL A 113 -13.42 -23.45 -9.75
CA VAL A 113 -13.85 -24.64 -9.04
C VAL A 113 -14.89 -24.26 -8.00
N GLY A 114 -15.91 -25.09 -7.86
CA GLY A 114 -17.05 -24.77 -7.01
C GLY A 114 -17.83 -23.57 -7.43
N ASN A 115 -17.85 -23.25 -8.74
CA ASN A 115 -18.51 -22.06 -9.31
C ASN A 115 -18.15 -20.77 -8.58
N ILE A 116 -16.88 -20.66 -8.17
CA ILE A 116 -16.36 -19.38 -7.66
C ILE A 116 -16.47 -18.30 -8.73
N PRO A 117 -17.11 -17.17 -8.42
CA PRO A 117 -17.06 -16.02 -9.33
C PRO A 117 -15.68 -15.37 -9.36
N LEU A 118 -15.10 -15.27 -10.55
CA LEU A 118 -13.79 -14.66 -10.74
C LEU A 118 -13.94 -13.47 -11.69
N PHE A 119 -13.43 -12.32 -11.28
CA PHE A 119 -13.51 -11.10 -12.07
C PHE A 119 -12.33 -11.00 -13.02
N LYS A 120 -12.55 -10.27 -14.11
CA LYS A 120 -11.52 -10.00 -15.09
C LYS A 120 -10.68 -8.78 -14.68
N ASN A 121 -9.43 -8.75 -15.17
CA ASN A 121 -8.51 -7.61 -15.05
C ASN A 121 -8.06 -7.34 -13.61
N CYS A 122 -8.03 -8.36 -12.76
CA CYS A 122 -7.55 -8.23 -11.39
C CYS A 122 -6.03 -8.41 -11.31
N SER A 123 -5.47 -8.03 -10.15
CA SER A 123 -4.05 -8.24 -9.89
C SER A 123 -3.75 -9.71 -9.63
N ALA A 124 -4.61 -10.40 -8.88
CA ALA A 124 -4.46 -11.84 -8.67
C ALA A 124 -5.79 -12.33 -8.13
N ALA A 125 -5.92 -13.66 -8.03
CA ALA A 125 -7.14 -14.26 -7.47
C ALA A 125 -6.82 -15.64 -6.92
N PHE A 126 -7.52 -16.01 -5.85
CA PHE A 126 -7.25 -17.25 -5.13
C PHE A 126 -8.55 -18.01 -4.97
N GLU A 127 -8.58 -19.24 -5.50
CA GLU A 127 -9.69 -20.15 -5.31
C GLU A 127 -9.44 -20.96 -4.05
N CYS A 128 -10.37 -20.90 -3.12
CA CYS A 128 -10.22 -21.52 -1.81
C CYS A 128 -11.34 -22.53 -1.56
N GLU A 129 -11.01 -23.59 -0.82
CA GLU A 129 -11.99 -24.43 -0.13
C GLU A 129 -12.17 -23.88 1.28
N ARG A 130 -13.43 -23.75 1.72
CA ARG A 130 -13.64 -23.29 3.09
C ARG A 130 -12.96 -24.27 4.05
N TYR A 131 -12.05 -23.76 4.86
CA TYR A 131 -11.22 -24.61 5.72
C TYR A 131 -11.61 -24.53 7.19
N ASN A 132 -11.98 -23.36 7.69
CA ASN A 132 -12.28 -23.21 9.11
C ASN A 132 -12.90 -21.84 9.31
N ILE A 133 -13.87 -21.76 10.22
CA ILE A 133 -14.49 -20.50 10.64
C ILE A 133 -14.25 -20.37 12.13
N VAL A 134 -13.67 -19.24 12.55
CA VAL A 134 -13.21 -19.03 13.92
C VAL A 134 -13.88 -17.79 14.50
N GLU A 135 -14.20 -17.86 15.79
CA GLU A 135 -14.81 -16.74 16.49
C GLU A 135 -13.93 -15.50 16.40
N GLY A 136 -14.52 -14.36 15.98
CA GLY A 136 -13.75 -13.12 15.87
C GLY A 136 -14.36 -11.85 16.45
N GLY A 137 -14.97 -11.92 17.63
CA GLY A 137 -15.62 -10.77 18.24
C GLY A 137 -16.92 -10.41 17.54
N ASP A 138 -16.98 -9.26 16.86
CA ASP A 138 -18.13 -8.93 16.04
C ASP A 138 -17.96 -9.40 14.59
N HIS A 139 -16.86 -10.12 14.29
CA HIS A 139 -16.64 -10.71 12.97
C HIS A 139 -16.42 -12.20 13.10
N TRP A 140 -16.65 -12.91 12.01
CA TRP A 140 -16.18 -14.29 11.87
C TRP A 140 -14.88 -14.27 11.07
N ILE A 141 -13.90 -15.04 11.55
CA ILE A 141 -12.64 -15.24 10.81
C ILE A 141 -12.82 -16.47 9.93
N ILE A 142 -12.76 -16.28 8.62
CA ILE A 142 -12.92 -17.37 7.66
C ILE A 142 -11.55 -17.72 7.12
N ILE A 143 -11.17 -18.98 7.25
CA ILE A 143 -9.88 -19.46 6.78
C ILE A 143 -10.10 -20.31 5.53
N GLY A 144 -9.32 -20.04 4.49
CA GLY A 144 -9.44 -20.78 3.24
C GLY A 144 -8.18 -21.56 2.92
N ARG A 145 -8.38 -22.77 2.41
CA ARG A 145 -7.29 -23.55 1.83
C ARG A 145 -7.25 -23.27 0.34
N VAL A 146 -6.15 -22.69 -0.15
CA VAL A 146 -6.02 -22.35 -1.55
C VAL A 146 -5.87 -23.63 -2.38
N VAL A 147 -6.74 -23.81 -3.37
CA VAL A 147 -6.60 -24.92 -4.31
C VAL A 147 -6.20 -24.49 -5.71
N LYS A 148 -6.19 -23.18 -5.99
CA LYS A 148 -5.78 -22.69 -7.29
C LYS A 148 -5.60 -21.18 -7.18
N PHE A 149 -4.55 -20.65 -7.80
CA PHE A 149 -4.34 -19.20 -7.78
C PHE A 149 -4.00 -18.70 -9.17
N HIS A 150 -4.25 -17.42 -9.37
CA HIS A 150 -3.96 -16.69 -10.60
C HIS A 150 -3.10 -15.48 -10.22
N ASP A 151 -2.02 -15.24 -10.97
CA ASP A 151 -0.95 -14.30 -10.60
C ASP A 151 -0.76 -13.38 -11.80
N HIS A 152 -1.46 -12.25 -11.81
CA HIS A 152 -1.37 -11.45 -13.03
C HIS A 152 -0.37 -10.30 -12.91
N GLY A 153 -0.17 -9.77 -11.70
CA GLY A 153 0.87 -8.80 -11.42
C GLY A 153 0.51 -7.35 -11.70
N ARG A 154 -0.76 -7.08 -12.00
CA ARG A 154 -1.15 -5.72 -12.33
C ARG A 154 -1.01 -4.81 -11.12
N SER A 155 -0.75 -3.54 -11.40
CA SER A 155 -0.56 -2.54 -10.37
C SER A 155 -1.78 -2.51 -9.45
N PRO A 156 -1.61 -2.59 -8.13
CA PRO A 156 -2.74 -2.84 -7.23
C PRO A 156 -3.48 -1.60 -6.74
N LEU A 157 -4.78 -1.78 -6.49
CA LEU A 157 -5.56 -0.79 -5.73
C LEU A 157 -5.16 -0.82 -4.27
N LEU A 158 -4.83 0.34 -3.70
CA LEU A 158 -4.50 0.41 -2.28
C LEU A 158 -5.59 1.11 -1.48
N TYR A 159 -5.62 0.83 -0.18
CA TYR A 159 -6.55 1.44 0.74
C TYR A 159 -5.84 1.82 2.03
N HIS A 160 -5.92 3.10 2.42
CA HIS A 160 -5.10 3.68 3.47
C HIS A 160 -5.78 4.94 4.01
N GLN A 161 -5.89 5.02 5.33
CA GLN A 161 -6.55 6.16 6.01
C GLN A 161 -7.90 6.52 5.37
N GLY A 162 -8.70 5.51 5.08
CA GLY A 162 -10.06 5.69 4.60
C GLY A 162 -10.20 6.00 3.11
N ALA A 163 -9.14 5.88 2.31
CA ALA A 163 -9.20 6.35 0.93
C ALA A 163 -8.41 5.41 0.03
N TYR A 164 -8.76 5.42 -1.26
CA TYR A 164 -8.08 4.61 -2.26
C TYR A 164 -6.85 5.37 -2.80
N SER A 165 -5.73 4.66 -2.89
CA SER A 165 -4.50 5.23 -3.45
C SER A 165 -3.82 4.18 -4.32
N ALA A 166 -2.64 4.52 -4.80
CA ALA A 166 -1.82 3.67 -5.65
C ALA A 166 -0.42 3.57 -5.07
N VAL A 167 0.40 2.73 -5.66
CA VAL A 167 1.76 2.52 -5.18
C VAL A 167 2.68 3.59 -5.76
N LEU A 168 3.58 4.12 -4.92
CA LEU A 168 4.64 4.98 -5.39
C LEU A 168 5.86 4.12 -5.55
N PRO A 169 6.30 3.83 -6.78
CA PRO A 169 7.40 2.86 -6.99
C PRO A 169 8.79 3.43 -6.71
N HIS A 170 9.78 2.49 -6.68
CA HIS A 170 11.22 2.68 -6.76
C HIS A 170 11.91 2.77 -5.41
N PRO A 171 13.16 2.30 -5.34
CA PRO A 171 13.95 2.47 -4.12
C PRO A 171 14.41 3.91 -4.01
N SER A 172 14.57 4.37 -2.77
CA SER A 172 14.87 5.79 -2.55
C SER A 172 16.32 6.08 -2.89
N LEU A 173 16.59 7.34 -3.21
CA LEU A 173 17.95 7.65 -3.60
C LEU A 173 18.81 7.82 -2.36
N ASN A 174 20.11 7.80 -2.57
CA ASN A 174 21.07 7.88 -1.48
C ASN A 174 21.38 9.36 -1.29
N MET A 175 20.72 9.99 -0.32
CA MET A 175 20.87 11.42 -0.13
C MET A 175 22.24 11.76 0.44
N LYS A 176 22.95 10.78 1.00
CA LYS A 176 24.26 10.99 1.61
C LYS A 176 25.40 10.72 0.64
N SER A 177 25.19 10.91 -0.66
CA SER A 177 26.20 10.69 -1.67
C SER A 177 27.00 11.97 -1.92
N GLU A 178 28.32 11.85 -1.85
CA GLU A 178 29.19 12.96 -2.21
C GLU A 178 29.32 13.13 -3.72
N THR A 179 28.82 12.18 -4.51
CA THR A 179 28.92 12.21 -5.96
C THR A 179 27.54 12.19 -6.59
N ALA A 180 27.44 12.82 -7.77
CA ALA A 180 26.17 12.84 -8.50
C ALA A 180 25.72 11.44 -8.88
N GLU A 181 26.63 10.62 -9.41
CA GLU A 181 26.25 9.28 -9.78
C GLU A 181 25.80 8.47 -8.57
N GLY A 182 26.52 8.59 -7.45
CA GLY A 182 26.25 7.78 -6.27
C GLY A 182 24.89 8.01 -5.64
N VAL A 183 24.17 9.03 -6.09
CA VAL A 183 22.82 9.27 -5.60
C VAL A 183 21.88 8.14 -6.03
N PHE A 184 22.12 7.55 -7.18
CA PHE A 184 21.12 6.63 -7.73
C PHE A 184 21.38 5.21 -7.26
N PRO A 185 20.34 4.42 -7.05
CA PRO A 185 20.59 3.01 -6.64
C PRO A 185 21.44 2.30 -7.65
N GLY A 186 21.27 2.62 -8.92
CA GLY A 186 22.20 2.26 -9.97
C GLY A 186 22.02 3.22 -11.13
N ARG A 187 23.02 3.25 -12.04
CA ARG A 187 23.02 4.27 -13.08
C ARG A 187 21.78 4.23 -13.96
N LEU A 188 21.15 3.06 -14.15
CA LEU A 188 20.00 3.08 -15.04
C LEU A 188 18.76 3.69 -14.40
N TYR A 189 18.80 4.01 -13.10
CA TYR A 189 17.70 4.73 -12.48
C TYR A 189 17.77 6.23 -12.73
N ASP A 190 18.86 6.74 -13.31
CA ASP A 190 18.91 8.15 -13.70
C ASP A 190 18.05 8.33 -14.95
N ASN A 191 16.73 8.36 -14.75
CA ASN A 191 15.80 8.57 -15.85
C ASN A 191 14.63 9.41 -15.35
N MET A 192 13.81 9.89 -16.30
CA MET A 192 12.71 10.79 -16.00
C MET A 192 11.72 10.18 -15.01
N TYR A 193 11.35 8.92 -15.22
CA TYR A 193 10.35 8.26 -14.39
C TYR A 193 10.84 8.17 -12.93
N TYR A 194 12.08 7.72 -12.75
CA TYR A 194 12.68 7.70 -11.43
C TYR A 194 12.72 9.09 -10.80
N LEU A 195 13.14 10.10 -11.56
CA LEU A 195 13.25 11.44 -10.98
C LEU A 195 11.89 11.96 -10.52
N LEU A 196 10.83 11.71 -11.30
CA LEU A 196 9.50 12.12 -10.89
C LEU A 196 9.10 11.49 -9.56
N THR A 197 9.33 10.17 -9.38
CA THR A 197 8.91 9.56 -8.12
C THR A 197 9.71 10.10 -6.95
N GLN A 198 11.00 10.39 -7.14
CA GLN A 198 11.76 10.95 -6.00
C GLN A 198 11.32 12.38 -5.72
N ALA A 199 10.94 13.12 -6.75
CA ALA A 199 10.35 14.43 -6.54
C ALA A 199 9.10 14.33 -5.65
N VAL A 200 8.17 13.43 -6.02
CA VAL A 200 6.98 13.19 -5.20
C VAL A 200 7.36 12.84 -3.77
N ARG A 201 8.29 11.90 -3.58
CA ARG A 201 8.79 11.54 -2.25
C ARG A 201 9.22 12.77 -1.44
N ALA A 202 10.07 13.62 -2.02
CA ALA A 202 10.59 14.77 -1.25
C ALA A 202 9.46 15.74 -0.94
N TYR A 203 8.56 15.97 -1.92
CA TYR A 203 7.44 16.86 -1.71
C TYR A 203 6.58 16.36 -0.55
N GLN A 204 6.25 15.07 -0.56
CA GLN A 204 5.43 14.48 0.51
C GLN A 204 6.14 14.54 1.86
N ASN A 205 7.46 14.36 1.88
CA ASN A 205 8.16 14.47 3.15
C ASN A 205 8.10 15.89 3.71
N ASP A 206 7.84 16.90 2.86
CA ASP A 206 7.62 18.26 3.35
C ASP A 206 6.15 18.51 3.69
N TYR A 207 5.23 18.10 2.81
CA TYR A 207 3.81 18.38 3.00
C TYR A 207 3.23 17.57 4.17
N GLN A 208 3.49 16.27 4.19
CA GLN A 208 2.74 15.34 5.03
C GLN A 208 2.76 15.69 6.53
N PRO A 209 3.90 15.95 7.16
CA PRO A 209 3.87 16.28 8.60
C PRO A 209 3.12 17.55 8.90
N LYS A 210 2.93 18.43 7.92
CA LYS A 210 2.17 19.66 8.15
C LYS A 210 0.68 19.42 8.02
N GLN A 211 0.28 18.55 7.09
CA GLN A 211 -1.11 18.12 7.09
C GLN A 211 -1.43 17.38 8.37
N LEU A 212 -0.50 16.53 8.85
CA LEU A 212 -0.74 15.83 10.13
C LEU A 212 -0.84 16.80 11.29
N ALA A 213 0.08 17.77 11.39
CA ALA A 213 0.03 18.70 12.51
C ALA A 213 -1.33 19.39 12.60
N SER A 214 -1.98 19.63 11.45
CA SER A 214 -3.32 20.19 11.39
C SER A 214 -4.42 19.24 11.86
N GLY A 215 -4.12 17.96 12.09
CA GLY A 215 -5.10 17.00 12.57
C GLY A 215 -5.84 16.19 11.52
N PHE A 216 -5.43 16.24 10.24
CA PHE A 216 -6.21 15.62 9.18
C PHE A 216 -5.51 14.36 8.67
N ARG A 217 -6.31 13.33 8.45
CA ARG A 217 -5.91 12.12 7.74
C ARG A 217 -6.33 12.25 6.29
N THR A 218 -5.94 11.28 5.49
CA THR A 218 -6.18 11.40 4.05
C THR A 218 -7.67 11.61 3.76
N SER A 219 -8.53 10.82 4.39
CA SER A 219 -9.96 10.91 4.08
C SER A 219 -10.51 12.30 4.40
N GLU A 220 -10.14 12.89 5.55
CA GLU A 220 -10.60 14.24 5.88
C GLU A 220 -10.04 15.28 4.91
N ALA A 221 -8.73 15.22 4.64
CA ALA A 221 -8.10 16.16 3.72
C ALA A 221 -8.80 16.18 2.36
N ARG A 222 -9.06 15.00 1.77
CA ARG A 222 -9.70 14.97 0.45
C ARG A 222 -11.07 15.63 0.51
N LEU A 223 -11.86 15.31 1.53
CA LEU A 223 -13.20 15.90 1.62
C LEU A 223 -13.12 17.43 1.68
N LEU A 224 -12.18 17.96 2.46
CA LEU A 224 -12.02 19.42 2.55
C LEU A 224 -11.67 20.00 1.18
N LEU A 225 -10.69 19.40 0.50
CA LEU A 225 -10.23 19.97 -0.76
C LEU A 225 -11.34 19.94 -1.81
N VAL A 226 -12.12 18.87 -1.85
CA VAL A 226 -13.18 18.75 -2.85
C VAL A 226 -14.39 19.61 -2.48
N LEU A 227 -14.93 19.45 -1.26
CA LEU A 227 -16.12 20.22 -0.88
C LEU A 227 -15.89 21.72 -0.94
N GLU A 228 -14.65 22.19 -0.81
CA GLU A 228 -14.42 23.64 -0.85
C GLU A 228 -14.95 24.27 -2.14
N SER A 229 -14.87 23.54 -3.27
CA SER A 229 -15.40 24.10 -4.51
C SER A 229 -16.58 23.32 -5.10
N LYS A 230 -16.79 22.06 -4.71
CA LYS A 230 -17.92 21.25 -5.19
C LYS A 230 -19.07 21.34 -4.18
N THR A 231 -19.68 22.53 -4.12
CA THR A 231 -20.68 22.82 -3.10
C THR A 231 -22.01 22.11 -3.33
N ALA A 232 -22.20 21.43 -4.48
CA ALA A 232 -23.49 20.83 -4.80
C ALA A 232 -23.37 19.41 -5.36
N SER A 233 -22.24 18.74 -5.16
CA SER A 233 -22.05 17.40 -5.72
C SER A 233 -22.96 16.39 -5.04
N SER A 234 -23.39 15.39 -5.82
CA SER A 234 -24.20 14.29 -5.31
C SER A 234 -23.32 13.26 -4.61
N LYS A 235 -23.98 12.29 -3.97
CA LYS A 235 -23.22 11.28 -3.23
C LYS A 235 -22.49 10.33 -4.15
N CYS A 236 -23.00 10.10 -5.37
CA CYS A 236 -22.28 9.30 -6.36
C CYS A 236 -21.10 10.07 -6.94
N ASP A 237 -21.32 11.31 -7.39
CA ASP A 237 -20.20 12.08 -7.92
C ASP A 237 -19.13 12.26 -6.87
N LEU A 238 -19.54 12.48 -5.62
CA LEU A 238 -18.57 12.72 -4.56
C LEU A 238 -17.67 11.50 -4.35
N GLN A 239 -18.24 10.30 -4.32
CA GLN A 239 -17.45 9.09 -4.20
C GLN A 239 -16.40 9.00 -5.31
N ARG A 240 -16.82 9.27 -6.55
CA ARG A 240 -15.91 9.27 -7.69
C ARG A 240 -14.84 10.34 -7.57
N GLU A 241 -15.21 11.56 -7.12
CA GLU A 241 -14.27 12.68 -7.07
C GLU A 241 -13.18 12.49 -6.01
N VAL A 242 -13.56 12.03 -4.81
CA VAL A 242 -12.57 11.90 -3.73
C VAL A 242 -11.89 10.53 -3.70
N ALA A 243 -12.35 9.56 -4.51
CA ALA A 243 -11.79 8.20 -4.55
C ALA A 243 -11.76 7.57 -3.15
N MET A 244 -12.95 7.49 -2.54
CA MET A 244 -13.24 6.93 -1.23
C MET A 244 -14.57 6.19 -1.33
N PRO A 245 -14.72 5.09 -0.60
CA PRO A 245 -16.03 4.45 -0.52
C PRO A 245 -17.04 5.30 0.24
N ILE A 246 -18.31 5.06 -0.07
CA ILE A 246 -19.41 5.75 0.60
C ILE A 246 -19.26 5.66 2.11
N ARG A 247 -18.99 4.44 2.63
CA ARG A 247 -18.98 4.25 4.08
C ARG A 247 -17.93 5.13 4.72
N GLU A 248 -16.79 5.35 4.04
CA GLU A 248 -15.75 6.22 4.59
C GLU A 248 -16.13 7.69 4.49
N ILE A 249 -16.79 8.08 3.39
CA ILE A 249 -17.28 9.46 3.27
C ILE A 249 -18.17 9.81 4.45
N GLU A 250 -19.10 8.92 4.78
CA GLU A 250 -20.01 9.16 5.89
C GLU A 250 -19.25 9.23 7.21
N GLU A 251 -18.24 8.37 7.40
CA GLU A 251 -17.43 8.44 8.61
C GLU A 251 -16.59 9.71 8.66
N ALA A 252 -16.00 10.08 7.52
CA ALA A 252 -15.15 11.26 7.47
C ALA A 252 -15.96 12.54 7.62
N THR A 253 -17.16 12.61 7.03
CA THR A 253 -17.91 13.84 7.20
C THR A 253 -18.45 13.96 8.62
N LYS A 254 -18.67 12.85 9.32
CA LYS A 254 -19.05 12.91 10.72
C LYS A 254 -17.92 13.49 11.56
N ILE A 255 -16.69 13.07 11.32
CA ILE A 255 -15.57 13.67 12.04
C ILE A 255 -15.46 15.15 11.70
N LEU A 256 -15.53 15.49 10.41
CA LEU A 256 -15.40 16.90 10.01
C LEU A 256 -16.52 17.75 10.60
N SER A 257 -17.72 17.17 10.70
CA SER A 257 -18.82 17.87 11.36
C SER A 257 -18.53 18.13 12.83
N GLU A 258 -17.98 17.13 13.53
CA GLU A 258 -17.74 17.32 14.95
C GLU A 258 -16.63 18.32 15.20
N LYS A 259 -15.72 18.48 14.23
CA LYS A 259 -14.67 19.51 14.30
C LYS A 259 -15.19 20.91 13.97
N GLY A 260 -16.46 21.02 13.53
CA GLY A 260 -17.02 22.30 13.15
C GLY A 260 -16.64 22.76 11.76
N LEU A 261 -16.17 21.85 10.91
CA LEU A 261 -15.67 22.23 9.60
C LEU A 261 -16.69 22.00 8.49
N LEU A 262 -17.85 21.40 8.79
CA LEU A 262 -18.76 20.90 7.77
C LEU A 262 -20.16 20.78 8.34
N ILE A 263 -21.15 21.10 7.50
CA ILE A 263 -22.56 20.93 7.83
C ILE A 263 -23.18 19.96 6.83
N ASP A 264 -24.07 19.11 7.32
CA ASP A 264 -24.87 18.23 6.46
C ASP A 264 -26.31 18.75 6.53
N ASN A 265 -26.68 19.61 5.57
CA ASN A 265 -28.02 20.19 5.51
C ASN A 265 -29.07 19.21 4.98
N GLY A 266 -28.78 17.91 4.99
CA GLY A 266 -29.72 16.93 4.47
C GLY A 266 -29.56 16.60 3.00
N GLN A 267 -29.48 17.62 2.14
CA GLN A 267 -29.29 17.40 0.71
C GLN A 267 -27.82 17.20 0.36
N HIS A 268 -26.97 18.15 0.75
CA HIS A 268 -25.56 18.13 0.38
C HIS A 268 -24.69 18.41 1.59
N TYR A 269 -23.41 18.14 1.46
CA TYR A 269 -22.41 18.55 2.44
C TYR A 269 -21.88 19.93 2.06
N GLU A 270 -21.69 20.79 3.07
CA GLU A 270 -21.16 22.12 2.85
C GLU A 270 -20.13 22.45 3.93
N LEU A 271 -19.00 23.00 3.52
CA LEU A 271 -18.00 23.46 4.48
C LEU A 271 -18.49 24.72 5.20
N THR A 272 -18.14 24.84 6.48
CA THR A 272 -18.31 26.09 7.21
C THR A 272 -17.17 27.05 6.87
N GLU A 273 -17.25 28.26 7.45
CA GLU A 273 -16.18 29.24 7.30
C GLU A 273 -14.83 28.68 7.76
N GLN A 274 -14.83 27.99 8.89
CA GLN A 274 -13.61 27.35 9.37
C GLN A 274 -13.19 26.19 8.48
N GLY A 275 -14.16 25.46 7.90
CA GLY A 275 -13.81 24.41 6.94
C GLY A 275 -13.14 24.97 5.70
N ASN A 276 -13.72 26.02 5.12
CA ASN A 276 -13.09 26.71 4.00
C ASN A 276 -11.67 27.14 4.32
N ALA A 277 -11.47 27.77 5.48
CA ALA A 277 -10.13 28.25 5.82
C ALA A 277 -9.15 27.10 5.93
N CYS A 278 -9.60 25.94 6.43
CA CYS A 278 -8.71 24.79 6.51
C CYS A 278 -8.37 24.25 5.13
N ALA A 279 -9.34 24.20 4.21
CA ALA A 279 -9.03 23.78 2.84
C ALA A 279 -7.97 24.70 2.21
N HIS A 280 -8.08 26.01 2.42
CA HIS A 280 -7.11 26.93 1.84
C HIS A 280 -5.76 26.80 2.49
N MET A 281 -5.70 26.49 3.79
CA MET A 281 -4.41 26.24 4.42
C MET A 281 -3.73 25.01 3.83
N LEU A 282 -4.47 23.93 3.60
CA LEU A 282 -3.87 22.75 2.97
C LEU A 282 -3.28 23.10 1.61
N TYR A 283 -3.99 23.95 0.85
CA TYR A 283 -3.46 24.42 -0.43
C TYR A 283 -2.17 25.22 -0.25
N LYS A 284 -2.13 26.13 0.73
CA LYS A 284 -0.93 26.92 0.95
C LYS A 284 0.28 26.04 1.28
N ILE A 285 0.09 25.02 2.11
CA ILE A 285 1.23 24.15 2.45
C ILE A 285 1.80 23.48 1.20
N ALA A 286 0.95 22.89 0.37
CA ALA A 286 1.43 22.29 -0.88
C ALA A 286 2.16 23.33 -1.73
N GLU A 287 1.55 24.51 -1.91
CA GLU A 287 2.13 25.51 -2.79
C GLU A 287 3.36 26.17 -2.20
N SER A 288 3.64 25.96 -0.92
CA SER A 288 4.74 26.71 -0.33
C SER A 288 6.08 26.05 -0.63
N HIS A 289 6.11 24.72 -0.66
CA HIS A 289 7.36 24.05 -1.00
C HIS A 289 7.90 24.54 -2.35
N GLN A 290 7.15 24.29 -3.43
CA GLN A 290 7.59 24.74 -4.76
C GLN A 290 7.84 26.25 -4.80
N GLU A 291 7.06 27.05 -4.07
CA GLU A 291 7.27 28.49 -4.06
C GLU A 291 8.67 28.83 -3.57
N GLU A 292 9.16 28.12 -2.55
CA GLU A 292 10.50 28.37 -2.07
C GLU A 292 11.55 27.84 -3.04
N VAL A 293 11.37 26.60 -3.52
CA VAL A 293 12.40 25.95 -4.33
C VAL A 293 12.57 26.65 -5.67
N PHE A 294 11.47 27.07 -6.29
CA PHE A 294 11.53 27.65 -7.64
C PHE A 294 11.65 29.18 -7.62
N ALA A 295 11.81 29.79 -6.45
CA ALA A 295 12.03 31.23 -6.38
C ALA A 295 13.10 31.70 -7.35
N LYS A 296 14.16 30.91 -7.54
CA LYS A 296 15.27 31.40 -8.34
C LYS A 296 14.99 31.35 -9.84
N TYR A 297 13.89 30.71 -10.27
CA TYR A 297 13.54 30.63 -11.68
C TYR A 297 12.58 31.75 -12.09
N THR A 298 12.68 32.15 -13.36
CA THR A 298 11.85 33.20 -13.93
C THR A 298 10.38 32.77 -14.02
N VAL A 299 9.52 33.77 -14.24
CA VAL A 299 8.09 33.56 -14.41
C VAL A 299 7.82 32.60 -15.55
N ASP A 300 8.53 32.76 -16.67
CA ASP A 300 8.29 31.91 -17.81
C ASP A 300 8.89 30.51 -17.61
N GLU A 301 9.99 30.40 -16.85
CA GLU A 301 10.56 29.09 -16.57
C GLU A 301 9.59 28.24 -15.74
N ARG A 302 8.93 28.83 -14.75
CA ARG A 302 7.94 28.06 -13.99
C ARG A 302 6.74 27.70 -14.87
N LYS A 303 6.26 28.66 -15.66
CA LYS A 303 5.22 28.34 -16.64
C LYS A 303 5.61 27.16 -17.52
N LEU A 304 6.84 27.14 -18.04
CA LEU A 304 7.25 26.02 -18.88
C LEU A 304 7.23 24.71 -18.11
N PHE A 305 7.70 24.72 -16.87
CA PHE A 305 7.72 23.51 -16.05
C PHE A 305 6.33 22.94 -15.90
N LYS A 306 5.36 23.79 -15.53
CA LYS A 306 3.98 23.34 -15.35
C LYS A 306 3.42 22.77 -16.65
N ASN A 307 3.60 23.49 -17.75
CA ASN A 307 3.12 23.00 -19.04
C ASN A 307 3.72 21.62 -19.37
N MET A 308 5.01 21.39 -19.07
CA MET A 308 5.60 20.10 -19.37
C MET A 308 5.07 19.01 -18.46
N LEU A 309 4.78 19.32 -17.19
CA LEU A 309 4.11 18.35 -16.33
C LEU A 309 2.75 17.95 -16.90
N LYS A 310 1.96 18.92 -17.35
CA LYS A 310 0.63 18.61 -17.87
C LYS A 310 0.69 17.78 -19.15
N ASP A 311 1.72 17.99 -19.98
CA ASP A 311 1.91 17.12 -21.15
C ASP A 311 2.15 15.69 -20.72
N LEU A 312 2.96 15.50 -19.68
CA LEU A 312 3.16 14.17 -19.11
C LEU A 312 1.82 13.57 -18.67
N ILE A 313 1.00 14.35 -17.97
CA ILE A 313 -0.29 13.87 -17.50
C ILE A 313 -1.20 13.55 -18.69
N GLY A 314 -1.17 14.38 -19.73
CA GLY A 314 -2.12 14.27 -20.82
C GLY A 314 -3.18 15.35 -20.82
N ILE A 315 -3.10 16.33 -19.92
CA ILE A 315 -4.00 17.48 -19.88
C ILE A 315 -3.24 18.75 -20.27
N GLU B 10 -10.27 -35.08 -3.85
CA GLU B 10 -9.10 -34.55 -4.53
C GLU B 10 -8.82 -33.09 -4.16
N LYS B 11 -7.63 -32.85 -3.59
CA LYS B 11 -7.10 -31.53 -3.26
C LYS B 11 -5.86 -31.25 -4.12
N GLU B 12 -5.69 -29.99 -4.51
CA GLU B 12 -4.62 -29.62 -5.44
C GLU B 12 -3.31 -29.37 -4.70
N VAL B 13 -2.20 -29.82 -5.30
CA VAL B 13 -0.89 -29.54 -4.71
C VAL B 13 -0.48 -28.12 -5.10
N ILE B 14 -0.13 -27.31 -4.11
CA ILE B 14 0.22 -25.90 -4.30
C ILE B 14 1.73 -25.74 -4.12
N ASP B 15 2.42 -25.31 -5.16
CA ASP B 15 3.84 -24.98 -5.01
C ASP B 15 4.01 -23.79 -4.06
N PRO B 16 4.81 -23.91 -2.99
CA PRO B 16 4.81 -22.83 -1.98
C PRO B 16 5.52 -21.56 -2.44
N MET B 17 6.56 -21.66 -3.27
CA MET B 17 7.23 -20.44 -3.72
C MET B 17 6.43 -19.71 -4.79
N ALA B 18 5.85 -20.43 -5.75
CA ALA B 18 4.95 -19.79 -6.69
C ALA B 18 3.69 -19.26 -6.00
N PHE B 19 3.22 -19.91 -4.95
CA PHE B 19 2.12 -19.35 -4.15
C PHE B 19 2.57 -18.11 -3.37
N ARG B 20 3.81 -18.11 -2.88
CA ARG B 20 4.30 -16.92 -2.16
C ARG B 20 4.40 -15.74 -3.10
N ARG B 21 4.87 -15.96 -4.33
N ARG B 21 4.88 -15.96 -4.33
CA ARG B 21 4.94 -14.90 -5.33
CA ARG B 21 4.93 -14.86 -5.29
C ARG B 21 3.55 -14.37 -5.67
C ARG B 21 3.53 -14.35 -5.63
N ALA B 22 2.54 -15.25 -5.72
CA ALA B 22 1.18 -14.80 -6.01
C ALA B 22 0.65 -13.91 -4.89
N LEU B 23 0.94 -14.28 -3.63
CA LEU B 23 0.55 -13.46 -2.48
C LEU B 23 1.19 -12.07 -2.53
N GLY B 24 2.38 -11.95 -3.13
CA GLY B 24 3.00 -10.64 -3.26
C GLY B 24 2.15 -9.66 -4.03
N ASN B 25 1.08 -10.14 -4.70
CA ASN B 25 0.21 -9.19 -5.38
C ASN B 25 -0.67 -8.43 -4.41
N PHE B 26 -0.83 -8.93 -3.18
CA PHE B 26 -1.62 -8.24 -2.17
C PHE B 26 -0.69 -7.34 -1.37
N ALA B 27 -0.79 -6.03 -1.59
CA ALA B 27 0.06 -5.08 -0.87
C ALA B 27 -0.35 -4.99 0.60
N THR B 28 0.63 -4.80 1.49
CA THR B 28 0.37 -4.56 2.90
C THR B 28 1.33 -3.51 3.43
N GLY B 29 0.96 -2.91 4.57
CA GLY B 29 1.94 -2.23 5.38
C GLY B 29 2.88 -3.27 5.99
N VAL B 30 3.73 -2.78 6.87
CA VAL B 30 4.75 -3.59 7.52
C VAL B 30 4.72 -3.29 9.00
N THR B 31 4.83 -4.33 9.82
CA THR B 31 4.76 -4.22 11.28
C THR B 31 5.97 -4.88 11.90
N ILE B 32 6.20 -4.58 13.18
CA ILE B 32 7.08 -5.37 14.03
C ILE B 32 6.33 -5.75 15.30
N MET B 33 6.15 -7.06 15.52
CA MET B 33 5.52 -7.62 16.71
C MET B 33 6.56 -7.79 17.81
N THR B 34 6.23 -7.32 18.99
CA THR B 34 7.20 -7.29 20.08
C THR B 34 6.53 -7.82 21.33
N ALA B 35 7.35 -8.39 22.22
CA ALA B 35 6.88 -8.80 23.55
C ALA B 35 8.08 -8.91 24.45
N GLN B 36 7.84 -8.83 25.76
CA GLN B 36 8.89 -8.95 26.75
C GLN B 36 8.29 -9.56 28.02
N THR B 37 8.99 -10.55 28.58
CA THR B 37 8.49 -11.24 29.76
C THR B 37 8.89 -10.46 31.01
N SER B 38 8.37 -10.91 32.16
CA SER B 38 8.81 -10.36 33.44
C SER B 38 10.30 -10.59 33.64
N SER B 39 10.81 -11.69 33.11
CA SER B 39 12.24 -12.01 33.25
C SER B 39 13.11 -10.95 32.59
N GLY B 40 12.79 -10.60 31.35
CA GLY B 40 13.55 -9.58 30.65
C GLY B 40 13.87 -9.95 29.22
N GLU B 41 13.49 -11.16 28.83
CA GLU B 41 13.65 -11.63 27.46
C GLU B 41 12.69 -10.90 26.54
N ARG B 42 13.20 -10.24 25.51
CA ARG B 42 12.39 -9.54 24.54
C ARG B 42 12.47 -10.23 23.18
N VAL B 43 11.38 -10.12 22.42
CA VAL B 43 11.37 -10.54 21.03
C VAL B 43 10.80 -9.41 20.18
N GLY B 44 11.22 -9.37 18.92
CA GLY B 44 10.63 -8.53 17.90
C GLY B 44 10.73 -9.20 16.54
N VAL B 45 9.63 -9.26 15.79
CA VAL B 45 9.56 -10.02 14.55
C VAL B 45 8.85 -9.15 13.53
N THR B 46 9.55 -8.86 12.43
CA THR B 46 8.94 -8.18 11.29
C THR B 46 7.89 -9.10 10.67
N ALA B 47 6.74 -8.53 10.35
CA ALA B 47 5.59 -9.33 9.93
C ALA B 47 4.71 -8.48 9.05
N ASN B 48 4.15 -9.09 8.01
CA ASN B 48 3.13 -8.41 7.23
C ASN B 48 1.82 -9.22 7.20
N SER B 49 1.71 -10.26 8.04
CA SER B 49 0.50 -11.08 8.15
C SER B 49 -0.55 -10.44 9.06
N PHE B 50 -0.30 -9.22 9.50
CA PHE B 50 -1.22 -8.50 10.37
C PHE B 50 -2.49 -8.12 9.61
N ASN B 51 -3.62 -8.16 10.32
CA ASN B 51 -4.80 -7.43 9.86
C ASN B 51 -5.76 -7.23 11.02
N SER B 52 -6.80 -6.45 10.75
CA SER B 52 -7.78 -6.21 11.79
C SER B 52 -8.92 -7.23 11.70
N VAL B 53 -9.59 -7.42 12.83
CA VAL B 53 -10.64 -8.43 12.96
C VAL B 53 -11.97 -7.82 13.36
N SER B 54 -11.96 -6.97 14.41
CA SER B 54 -13.20 -6.64 15.11
C SER B 54 -13.05 -5.30 15.80
N LEU B 55 -14.12 -4.51 15.84
CA LEU B 55 -14.01 -3.21 16.50
C LEU B 55 -14.40 -3.30 17.97
N ASP B 56 -15.36 -4.14 18.31
CA ASP B 56 -15.72 -4.34 19.71
C ASP B 56 -16.23 -5.76 19.92
N PRO B 57 -15.50 -6.60 20.65
CA PRO B 57 -14.19 -6.24 21.19
C PRO B 57 -13.16 -5.85 20.10
N ALA B 58 -12.21 -4.99 20.47
CA ALA B 58 -11.18 -4.55 19.53
C ALA B 58 -10.18 -5.67 19.37
N LEU B 59 -10.13 -6.27 18.18
CA LEU B 59 -9.30 -7.44 17.95
C LEU B 59 -8.53 -7.30 16.65
N VAL B 60 -7.29 -7.79 16.67
CA VAL B 60 -6.37 -7.83 15.53
C VAL B 60 -5.72 -9.22 15.52
N LEU B 61 -5.05 -9.57 14.43
CA LEU B 61 -4.37 -10.86 14.40
C LEU B 61 -3.14 -10.78 13.53
N TRP B 62 -2.22 -11.73 13.77
CA TRP B 62 -1.15 -12.00 12.83
C TRP B 62 -0.82 -13.49 12.90
N SER B 63 0.10 -13.91 12.04
CA SER B 63 0.48 -15.32 11.89
C SER B 63 2.00 -15.42 12.02
N ILE B 64 2.45 -16.22 12.97
CA ILE B 64 3.89 -16.40 13.20
C ILE B 64 4.27 -17.84 12.86
N ASP B 65 5.46 -18.02 12.27
CA ASP B 65 5.91 -19.35 11.90
C ASP B 65 5.99 -20.26 13.12
N LYS B 66 5.50 -21.49 12.99
CA LYS B 66 5.55 -22.45 14.12
C LYS B 66 6.97 -22.80 14.52
N LYS B 67 7.93 -22.65 13.62
CA LYS B 67 9.34 -22.87 13.94
C LYS B 67 10.06 -21.61 14.44
N SER B 68 9.38 -20.48 14.54
CA SER B 68 10.03 -19.27 14.99
C SER B 68 10.66 -19.49 16.37
N SER B 69 11.87 -18.92 16.56
CA SER B 69 12.47 -18.97 17.89
C SER B 69 11.82 -18.00 18.86
N SER B 70 11.02 -17.08 18.36
CA SER B 70 10.35 -16.06 19.14
C SER B 70 8.99 -16.52 19.65
N TYR B 71 8.47 -17.62 19.10
CA TYR B 71 7.10 -18.02 19.40
C TYR B 71 6.90 -18.26 20.89
N ARG B 72 7.87 -18.87 21.56
CA ARG B 72 7.73 -19.16 22.99
C ARG B 72 7.40 -17.88 23.79
N ILE B 73 8.10 -16.78 23.51
CA ILE B 73 7.85 -15.57 24.28
C ILE B 73 6.46 -14.99 23.99
N PHE B 74 6.05 -14.97 22.71
CA PHE B 74 4.70 -14.50 22.42
C PHE B 74 3.66 -15.39 23.08
N GLU B 75 3.92 -16.70 23.14
CA GLU B 75 2.96 -17.61 23.73
C GLU B 75 2.86 -17.41 25.23
N GLU B 76 3.99 -17.09 25.89
CA GLU B 76 4.00 -16.91 27.34
C GLU B 76 3.54 -15.50 27.76
N ALA B 77 4.17 -14.45 27.19
CA ALA B 77 3.83 -13.09 27.60
C ALA B 77 2.33 -12.88 27.46
N THR B 78 1.75 -12.19 28.45
CA THR B 78 0.32 -11.87 28.37
C THR B 78 0.01 -10.67 27.47
N HIS B 79 1.02 -9.88 27.11
CA HIS B 79 0.81 -8.73 26.22
C HIS B 79 1.86 -8.74 25.11
N PHE B 80 1.47 -8.20 23.96
CA PHE B 80 2.38 -7.98 22.83
C PHE B 80 1.97 -6.71 22.09
N GLY B 81 2.93 -6.10 21.39
CA GLY B 81 2.69 -4.86 20.67
C GLY B 81 2.78 -4.99 19.15
N VAL B 82 2.00 -4.18 18.45
CA VAL B 82 2.02 -4.10 17.00
C VAL B 82 2.54 -2.71 16.65
N ASN B 83 3.71 -2.64 16.02
CA ASN B 83 4.29 -1.38 15.56
C ASN B 83 4.13 -1.27 14.04
N ILE B 84 3.34 -0.30 13.55
CA ILE B 84 3.18 -0.09 12.12
C ILE B 84 4.28 0.84 11.67
N LEU B 85 5.20 0.33 10.84
CA LEU B 85 6.36 1.10 10.38
C LEU B 85 5.99 2.19 9.38
N SER B 86 6.61 3.35 9.53
CA SER B 86 6.49 4.40 8.54
C SER B 86 7.50 4.19 7.39
N ALA B 87 7.38 5.02 6.34
CA ALA B 87 8.23 4.88 5.16
C ALA B 87 9.71 5.10 5.47
N ALA B 88 10.02 5.72 6.62
CA ALA B 88 11.40 6.01 7.01
C ALA B 88 12.04 4.90 7.80
N GLN B 89 11.36 3.76 8.01
CA GLN B 89 11.84 2.74 8.94
C GLN B 89 12.20 1.43 8.23
N ILE B 90 12.73 1.52 7.01
CA ILE B 90 13.18 0.31 6.34
C ILE B 90 14.29 -0.37 7.15
N GLU B 91 15.18 0.42 7.77
CA GLU B 91 16.30 -0.20 8.49
C GLU B 91 15.81 -1.00 9.70
N LEU B 92 14.81 -0.49 10.41
CA LEU B 92 14.16 -1.24 11.46
C LEU B 92 13.54 -2.51 10.91
N SER B 93 12.83 -2.39 9.80
CA SER B 93 12.19 -3.56 9.21
C SER B 93 13.23 -4.64 8.90
N ASN B 94 14.40 -4.24 8.37
CA ASN B 94 15.44 -5.23 8.07
C ASN B 94 16.05 -5.79 9.34
N ARG B 95 16.24 -4.96 10.36
CA ARG B 95 16.89 -5.48 11.57
C ARG B 95 16.06 -6.57 12.23
N PHE B 96 14.74 -6.38 12.30
CA PHE B 96 13.88 -7.33 13.00
C PHE B 96 13.37 -8.45 12.10
N ALA B 97 13.93 -8.58 10.90
CA ALA B 97 13.59 -9.68 10.01
C ALA B 97 14.66 -10.77 9.98
N ARG B 98 15.76 -10.59 10.69
CA ARG B 98 16.87 -11.53 10.65
C ARG B 98 17.28 -11.91 12.05
N ARG B 99 17.46 -13.20 12.28
CA ARG B 99 17.89 -13.66 13.58
C ARG B 99 19.26 -13.07 13.91
N SER B 100 19.43 -12.66 15.16
CA SER B 100 20.72 -12.15 15.61
C SER B 100 20.74 -12.25 17.13
N GLU B 101 21.93 -12.03 17.69
CA GLU B 101 22.09 -12.15 19.13
C GLU B 101 21.24 -11.13 19.88
N ASP B 102 21.21 -9.87 19.41
CA ASP B 102 20.43 -8.81 20.06
C ASP B 102 19.78 -7.94 18.99
N LYS B 103 18.62 -8.38 18.50
CA LYS B 103 17.88 -7.57 17.54
C LYS B 103 17.64 -6.16 18.05
N PHE B 104 17.60 -5.97 19.37
CA PHE B 104 17.30 -4.65 19.94
C PHE B 104 18.53 -3.78 20.17
N ALA B 105 19.73 -4.32 19.97
CA ALA B 105 20.97 -3.58 20.25
C ALA B 105 20.94 -2.18 19.63
N ASN B 106 21.02 -1.16 20.50
CA ASN B 106 21.13 0.24 20.11
C ASN B 106 19.84 0.79 19.52
N ILE B 107 18.69 0.15 19.77
CA ILE B 107 17.40 0.68 19.38
C ILE B 107 16.80 1.40 20.57
N GLU B 108 16.24 2.58 20.30
CA GLU B 108 15.49 3.29 21.31
C GLU B 108 14.05 2.80 21.30
N PHE B 109 13.49 2.52 22.47
CA PHE B 109 12.10 2.13 22.54
C PHE B 109 11.59 2.38 23.95
N ASP B 110 10.27 2.55 24.06
CA ASP B 110 9.57 2.74 25.31
C ASP B 110 8.80 1.47 25.69
N LEU B 111 8.39 1.41 26.95
CA LEU B 111 7.69 0.25 27.49
C LEU B 111 6.21 0.60 27.66
N GLY B 112 5.35 -0.04 26.87
CA GLY B 112 3.93 0.05 27.07
C GLY B 112 3.47 -0.84 28.21
N VAL B 113 2.16 -1.08 28.26
CA VAL B 113 1.60 -1.90 29.32
C VAL B 113 2.06 -3.35 29.14
N GLY B 114 2.32 -4.01 30.26
CA GLY B 114 2.86 -5.36 30.20
C GLY B 114 4.21 -5.44 29.54
N ASN B 115 5.02 -4.38 29.62
CA ASN B 115 6.39 -4.38 29.15
C ASN B 115 6.50 -4.52 27.64
N ILE B 116 5.49 -4.08 26.91
CA ILE B 116 5.51 -4.10 25.45
C ILE B 116 6.58 -3.13 24.95
N PRO B 117 7.48 -3.54 24.06
CA PRO B 117 8.43 -2.61 23.43
C PRO B 117 7.78 -1.86 22.27
N LEU B 118 7.71 -0.53 22.37
CA LEU B 118 7.14 0.34 21.33
C LEU B 118 8.23 1.23 20.77
N PHE B 119 8.44 1.18 19.46
CA PHE B 119 9.44 1.98 18.80
C PHE B 119 8.93 3.41 18.63
N LYS B 120 9.85 4.35 18.49
CA LYS B 120 9.53 5.74 18.18
C LYS B 120 9.36 5.96 16.66
N ASN B 121 8.61 7.00 16.30
CA ASN B 121 8.49 7.44 14.91
C ASN B 121 7.71 6.46 14.01
N CYS B 122 6.83 5.65 14.60
CA CYS B 122 6.00 4.74 13.82
C CYS B 122 4.76 5.45 13.27
N SER B 123 4.14 4.81 12.28
CA SER B 123 2.84 5.30 11.79
C SER B 123 1.74 5.13 12.82
N ALA B 124 1.83 4.09 13.67
CA ALA B 124 0.83 3.74 14.67
C ALA B 124 1.35 2.56 15.49
N ALA B 125 0.75 2.36 16.66
CA ALA B 125 1.09 1.21 17.48
C ALA B 125 -0.16 0.75 18.22
N PHE B 126 -0.19 -0.55 18.52
CA PHE B 126 -1.32 -1.19 19.18
C PHE B 126 -0.77 -2.04 20.30
N GLU B 127 -1.23 -1.78 21.52
CA GLU B 127 -0.88 -2.58 22.68
C GLU B 127 -1.98 -3.62 22.87
N CYS B 128 -1.63 -4.90 22.77
CA CYS B 128 -2.60 -5.99 22.79
C CYS B 128 -2.42 -6.92 23.97
N GLU B 129 -3.53 -7.43 24.47
CA GLU B 129 -3.54 -8.60 25.32
C GLU B 129 -3.65 -9.80 24.41
N ARG B 130 -2.85 -10.83 24.67
CA ARG B 130 -3.02 -12.07 23.93
C ARG B 130 -4.40 -12.65 24.25
N TYR B 131 -5.18 -12.92 23.21
CA TYR B 131 -6.59 -13.28 23.33
C TYR B 131 -6.85 -14.73 22.94
N ASN B 132 -6.23 -15.22 21.88
CA ASN B 132 -6.45 -16.60 21.46
C ASN B 132 -5.29 -16.94 20.54
N ILE B 133 -4.97 -18.24 20.46
CA ILE B 133 -3.95 -18.74 19.54
C ILE B 133 -4.56 -19.92 18.78
N VAL B 134 -4.51 -19.87 17.45
CA VAL B 134 -5.27 -20.78 16.61
C VAL B 134 -4.33 -21.47 15.62
N GLU B 135 -4.54 -22.77 15.44
CA GLU B 135 -3.78 -23.55 14.47
C GLU B 135 -3.88 -22.93 13.08
N GLY B 136 -2.74 -22.81 12.42
CA GLY B 136 -2.71 -22.19 11.09
C GLY B 136 -1.73 -22.83 10.13
N GLY B 137 -1.83 -24.15 9.93
CA GLY B 137 -0.93 -24.83 9.01
C GLY B 137 0.48 -24.90 9.53
N ASP B 138 1.42 -24.25 8.86
CA ASP B 138 2.77 -24.14 9.40
C ASP B 138 2.99 -22.87 10.23
N HIS B 139 1.91 -22.11 10.53
CA HIS B 139 1.94 -20.92 11.36
C HIS B 139 0.95 -21.07 12.51
N TRP B 140 1.14 -20.26 13.56
CA TRP B 140 0.12 -20.07 14.57
C TRP B 140 -0.53 -18.71 14.33
N ILE B 141 -1.86 -18.66 14.38
CA ILE B 141 -2.56 -17.39 14.31
C ILE B 141 -2.72 -16.84 15.73
N ILE B 142 -2.19 -15.65 15.97
CA ILE B 142 -2.22 -14.99 17.26
C ILE B 142 -3.24 -13.87 17.16
N ILE B 143 -4.27 -13.96 17.98
CA ILE B 143 -5.33 -12.95 18.05
C ILE B 143 -5.09 -12.11 19.30
N GLY B 144 -5.12 -10.79 19.14
CA GLY B 144 -4.89 -9.88 20.24
C GLY B 144 -6.09 -8.96 20.44
N ARG B 145 -6.39 -8.68 21.71
CA ARG B 145 -7.34 -7.64 22.06
C ARG B 145 -6.56 -6.34 22.30
N VAL B 146 -6.92 -5.29 21.57
CA VAL B 146 -6.23 -4.01 21.71
C VAL B 146 -6.78 -3.30 22.94
N VAL B 147 -5.90 -2.99 23.90
CA VAL B 147 -6.30 -2.25 25.11
C VAL B 147 -5.84 -0.80 25.07
N LYS B 148 -4.94 -0.44 24.17
CA LYS B 148 -4.43 0.91 24.01
C LYS B 148 -3.78 1.03 22.63
N PHE B 149 -3.76 2.23 22.08
CA PHE B 149 -3.17 2.42 20.76
C PHE B 149 -2.70 3.86 20.61
N HIS B 150 -1.83 4.05 19.61
CA HIS B 150 -1.24 5.33 19.23
C HIS B 150 -1.42 5.47 17.73
N ASP B 151 -1.99 6.59 17.31
CA ASP B 151 -2.37 6.84 15.92
C ASP B 151 -1.63 8.09 15.47
N HIS B 152 -0.49 7.95 14.80
CA HIS B 152 0.28 9.14 14.44
C HIS B 152 0.05 9.61 13.00
N GLY B 153 -0.33 8.73 12.07
CA GLY B 153 -0.64 9.18 10.73
C GLY B 153 0.53 9.31 9.78
N ARG B 154 1.74 8.95 10.19
CA ARG B 154 2.90 9.10 9.31
C ARG B 154 2.76 8.23 8.08
N SER B 155 3.35 8.68 6.97
N SER B 155 3.34 8.68 6.98
CA SER B 155 3.26 7.92 5.73
CA SER B 155 3.27 7.91 5.74
C SER B 155 3.87 6.53 5.94
C SER B 155 3.86 6.52 5.96
N PRO B 156 3.19 5.47 5.53
CA PRO B 156 3.60 4.12 5.91
C PRO B 156 4.59 3.48 4.94
N LEU B 157 5.36 2.52 5.48
CA LEU B 157 6.13 1.58 4.69
C LEU B 157 5.21 0.58 3.98
N LEU B 158 5.41 0.39 2.68
CA LEU B 158 4.60 -0.53 1.89
C LEU B 158 5.42 -1.75 1.48
N TYR B 159 4.77 -2.90 1.39
CA TYR B 159 5.43 -4.14 0.98
C TYR B 159 4.58 -4.77 -0.12
N HIS B 160 5.15 -4.97 -1.30
CA HIS B 160 4.40 -5.41 -2.46
C HIS B 160 5.33 -6.05 -3.49
N GLN B 161 4.92 -7.19 -4.05
CA GLN B 161 5.71 -7.94 -5.05
C GLN B 161 7.15 -8.15 -4.60
N GLY B 162 7.33 -8.43 -3.32
CA GLY B 162 8.64 -8.73 -2.80
C GLY B 162 9.48 -7.53 -2.41
N ALA B 163 8.97 -6.30 -2.53
CA ALA B 163 9.84 -5.12 -2.40
C ALA B 163 9.16 -4.06 -1.55
N TYR B 164 9.98 -3.15 -0.99
CA TYR B 164 9.45 -2.05 -0.17
C TYR B 164 9.14 -0.87 -1.08
N SER B 165 7.97 -0.28 -0.87
CA SER B 165 7.53 0.86 -1.64
C SER B 165 6.81 1.82 -0.70
N ALA B 166 6.04 2.74 -1.29
CA ALA B 166 5.38 3.81 -0.56
C ALA B 166 4.01 4.01 -1.18
N VAL B 167 3.20 4.86 -0.55
CA VAL B 167 1.85 5.19 -1.01
C VAL B 167 1.91 6.44 -1.89
N LEU B 168 1.31 6.35 -3.07
CA LEU B 168 1.19 7.51 -3.96
C LEU B 168 -0.05 8.32 -3.59
N PRO B 169 0.10 9.58 -3.19
CA PRO B 169 -1.07 10.36 -2.75
C PRO B 169 -2.02 10.74 -3.90
N HIS B 170 -3.27 11.13 -3.50
CA HIS B 170 -4.28 11.90 -4.22
C HIS B 170 -5.23 11.07 -5.08
N PRO B 171 -6.48 11.51 -5.23
CA PRO B 171 -7.38 10.87 -6.18
C PRO B 171 -7.11 11.31 -7.62
N SER B 172 -7.45 10.44 -8.56
CA SER B 172 -7.10 10.68 -9.96
C SER B 172 -7.88 11.84 -10.55
N LEU B 173 -7.37 12.38 -11.64
CA LEU B 173 -8.09 13.38 -12.40
C LEU B 173 -9.37 12.81 -12.98
N ASN B 174 -10.38 13.68 -13.11
CA ASN B 174 -11.60 13.34 -13.86
C ASN B 174 -11.30 13.55 -15.34
N MET B 175 -10.88 12.49 -16.01
CA MET B 175 -10.31 12.60 -17.36
C MET B 175 -11.35 12.56 -18.46
N LYS B 176 -12.63 12.48 -18.14
CA LYS B 176 -13.70 12.60 -19.13
C LYS B 176 -14.47 13.91 -18.99
N SER B 177 -14.01 14.81 -18.11
CA SER B 177 -14.67 16.10 -17.94
C SER B 177 -14.71 16.86 -19.25
N GLU B 178 -15.78 17.66 -19.42
CA GLU B 178 -15.91 18.49 -20.61
C GLU B 178 -15.20 19.83 -20.48
N THR B 179 -15.09 20.36 -19.25
CA THR B 179 -14.43 21.64 -18.98
C THR B 179 -12.93 21.43 -18.69
N ALA B 180 -12.17 22.52 -18.85
CA ALA B 180 -10.72 22.47 -18.68
C ALA B 180 -10.34 22.33 -17.21
N GLU B 181 -10.87 23.21 -16.35
CA GLU B 181 -10.61 23.12 -14.92
C GLU B 181 -11.42 22.01 -14.26
N GLY B 182 -12.41 21.45 -14.94
CA GLY B 182 -13.19 20.34 -14.44
C GLY B 182 -12.43 19.04 -14.29
N VAL B 183 -11.24 18.93 -14.88
CA VAL B 183 -10.48 17.69 -14.70
C VAL B 183 -10.03 17.52 -13.25
N PHE B 184 -9.82 18.61 -12.51
CA PHE B 184 -9.33 18.47 -11.15
C PHE B 184 -10.48 18.01 -10.23
N PRO B 185 -10.21 17.18 -9.22
CA PRO B 185 -11.31 16.77 -8.32
C PRO B 185 -11.96 17.96 -7.62
N GLY B 186 -11.15 18.94 -7.22
CA GLY B 186 -11.64 20.27 -6.88
C GLY B 186 -10.53 21.26 -7.22
N ARG B 187 -10.89 22.54 -7.30
CA ARG B 187 -9.97 23.51 -7.86
C ARG B 187 -8.73 23.72 -7.00
N LEU B 188 -8.79 23.44 -5.69
CA LEU B 188 -7.58 23.52 -4.86
C LEU B 188 -6.59 22.39 -5.15
N TYR B 189 -6.98 21.38 -5.94
CA TYR B 189 -6.02 20.37 -6.37
C TYR B 189 -5.18 20.82 -7.57
N ASP B 190 -5.49 21.96 -8.19
CA ASP B 190 -4.60 22.55 -9.19
C ASP B 190 -3.44 23.20 -8.45
N ASN B 191 -2.46 22.37 -8.10
CA ASN B 191 -1.28 22.82 -7.39
C ASN B 191 -0.11 21.93 -7.81
N MET B 192 1.10 22.35 -7.46
CA MET B 192 2.29 21.66 -7.96
C MET B 192 2.39 20.23 -7.41
N TYR B 193 2.03 20.04 -6.14
CA TYR B 193 2.12 18.72 -5.54
C TYR B 193 1.20 17.73 -6.25
N TYR B 194 -0.06 18.14 -6.46
CA TYR B 194 -1.00 17.28 -7.18
C TYR B 194 -0.54 16.99 -8.60
N LEU B 195 -0.06 18.01 -9.33
CA LEU B 195 0.42 17.77 -10.69
C LEU B 195 1.54 16.73 -10.72
N LEU B 196 2.48 16.82 -9.77
CA LEU B 196 3.57 15.84 -9.73
C LEU B 196 3.04 14.44 -9.48
N THR B 197 2.13 14.28 -8.51
CA THR B 197 1.61 12.94 -8.26
C THR B 197 0.84 12.40 -9.45
N GLN B 198 0.16 13.27 -10.21
CA GLN B 198 -0.58 12.78 -11.36
C GLN B 198 0.31 12.52 -12.55
N ALA B 199 1.46 13.19 -12.62
CA ALA B 199 2.42 12.84 -13.65
C ALA B 199 3.03 11.46 -13.37
N VAL B 200 3.34 11.17 -12.11
CA VAL B 200 3.82 9.83 -11.74
C VAL B 200 2.77 8.80 -12.11
N ARG B 201 1.51 9.05 -11.73
CA ARG B 201 0.46 8.08 -12.00
C ARG B 201 0.31 7.81 -13.50
N ALA B 202 0.43 8.86 -14.33
CA ALA B 202 0.33 8.64 -15.77
C ALA B 202 1.56 7.92 -16.30
N TYR B 203 2.74 8.28 -15.81
CA TYR B 203 3.95 7.55 -16.22
C TYR B 203 3.86 6.07 -15.85
N GLN B 204 3.46 5.78 -14.60
CA GLN B 204 3.33 4.40 -14.15
C GLN B 204 2.34 3.62 -15.01
N ASN B 205 1.18 4.23 -15.31
CA ASN B 205 0.19 3.56 -16.14
C ASN B 205 0.75 3.22 -17.52
N ASP B 206 1.70 4.02 -18.01
CA ASP B 206 2.34 3.67 -19.27
C ASP B 206 3.41 2.60 -19.07
N TYR B 207 4.29 2.79 -18.09
CA TYR B 207 5.47 1.95 -17.94
C TYR B 207 5.13 0.57 -17.39
N GLN B 208 4.39 0.53 -16.28
CA GLN B 208 4.10 -0.71 -15.58
C GLN B 208 3.61 -1.85 -16.46
N PRO B 209 2.60 -1.69 -17.32
CA PRO B 209 2.16 -2.81 -18.15
C PRO B 209 3.24 -3.29 -19.10
N LYS B 210 4.16 -2.40 -19.50
CA LYS B 210 5.21 -2.82 -20.42
C LYS B 210 6.25 -3.66 -19.68
N GLN B 211 6.61 -3.24 -18.48
CA GLN B 211 7.54 -4.04 -17.67
C GLN B 211 6.96 -5.42 -17.39
N LEU B 212 5.66 -5.48 -17.09
CA LEU B 212 4.99 -6.73 -16.78
C LEU B 212 4.86 -7.61 -18.02
N ALA B 213 4.51 -7.01 -19.16
CA ALA B 213 4.39 -7.78 -20.40
C ALA B 213 5.73 -8.35 -20.84
N SER B 214 6.84 -7.72 -20.43
CA SER B 214 8.14 -8.30 -20.74
C SER B 214 8.56 -9.35 -19.71
N GLY B 215 7.74 -9.57 -18.68
CA GLY B 215 7.90 -10.68 -17.79
C GLY B 215 8.59 -10.41 -16.47
N PHE B 216 8.75 -9.15 -16.07
CA PHE B 216 9.43 -8.86 -14.82
C PHE B 216 8.47 -8.26 -13.80
N ARG B 217 8.59 -8.72 -12.57
CA ARG B 217 7.91 -8.19 -11.40
C ARG B 217 8.85 -7.24 -10.68
N THR B 218 8.31 -6.50 -9.71
CA THR B 218 9.10 -5.42 -9.08
C THR B 218 10.47 -5.91 -8.62
N SER B 219 10.50 -7.01 -7.87
CA SER B 219 11.74 -7.45 -7.26
C SER B 219 12.77 -7.86 -8.31
N GLU B 220 12.33 -8.54 -9.37
CA GLU B 220 13.25 -8.87 -10.45
C GLU B 220 13.73 -7.61 -11.15
N ALA B 221 12.82 -6.66 -11.40
CA ALA B 221 13.19 -5.44 -12.09
C ALA B 221 14.29 -4.68 -11.34
N ARG B 222 14.14 -4.55 -10.03
CA ARG B 222 15.09 -3.78 -9.24
C ARG B 222 16.46 -4.43 -9.21
N LEU B 223 16.50 -5.75 -9.09
CA LEU B 223 17.80 -6.43 -9.12
C LEU B 223 18.48 -6.26 -10.46
N LEU B 224 17.74 -6.32 -11.57
CA LEU B 224 18.37 -6.13 -12.87
C LEU B 224 18.95 -4.73 -13.01
N LEU B 225 18.16 -3.71 -12.63
CA LEU B 225 18.59 -2.32 -12.79
C LEU B 225 19.80 -2.00 -11.92
N VAL B 226 19.84 -2.54 -10.68
CA VAL B 226 20.97 -2.25 -9.80
C VAL B 226 22.19 -3.07 -10.20
N LEU B 227 22.02 -4.38 -10.44
CA LEU B 227 23.20 -5.21 -10.71
C LEU B 227 23.86 -4.82 -12.03
N GLU B 228 23.11 -4.16 -12.92
CA GLU B 228 23.74 -3.78 -14.18
C GLU B 228 24.89 -2.80 -13.96
N SER B 229 24.85 -1.98 -12.91
CA SER B 229 25.89 -0.96 -12.75
C SER B 229 27.00 -1.38 -11.81
N LYS B 230 26.85 -2.48 -11.07
CA LYS B 230 27.94 -3.06 -10.28
C LYS B 230 28.53 -2.05 -9.28
N THR B 231 27.67 -1.25 -8.66
CA THR B 231 28.10 -0.27 -7.67
C THR B 231 27.93 -0.88 -6.29
N ALA B 232 29.04 -1.37 -5.73
CA ALA B 232 29.03 -2.06 -4.43
C ALA B 232 28.06 -3.24 -4.47
N SER B 233 28.51 -4.30 -5.16
CA SER B 233 27.70 -5.50 -5.33
C SER B 233 28.01 -6.50 -4.20
N SER B 234 27.57 -6.14 -2.98
CA SER B 234 27.67 -6.97 -1.79
C SER B 234 26.29 -7.12 -1.15
N LYS B 235 26.15 -8.15 -0.31
CA LYS B 235 24.81 -8.55 0.17
C LYS B 235 24.15 -7.47 1.00
N CYS B 236 24.88 -6.87 1.95
CA CYS B 236 24.31 -5.79 2.75
C CYS B 236 24.15 -4.52 1.92
N ASP B 237 25.17 -4.18 1.12
CA ASP B 237 25.08 -3.02 0.25
C ASP B 237 23.96 -3.18 -0.77
N LEU B 238 23.78 -4.40 -1.29
CA LEU B 238 22.77 -4.65 -2.31
C LEU B 238 21.36 -4.48 -1.76
N GLN B 239 21.08 -5.14 -0.63
CA GLN B 239 19.78 -4.96 0.04
C GLN B 239 19.44 -3.49 0.21
N ARG B 240 20.39 -2.67 0.68
CA ARG B 240 20.13 -1.25 0.89
C ARG B 240 19.71 -0.55 -0.40
N GLU B 241 20.35 -0.90 -1.53
CA GLU B 241 20.10 -0.25 -2.81
C GLU B 241 18.78 -0.67 -3.45
N VAL B 242 18.44 -1.97 -3.42
CA VAL B 242 17.18 -2.41 -4.01
C VAL B 242 15.96 -2.21 -3.09
N ALA B 243 16.19 -2.01 -1.78
CA ALA B 243 15.11 -1.87 -0.80
C ALA B 243 14.16 -3.07 -0.85
N MET B 244 14.73 -4.26 -0.61
CA MET B 244 14.00 -5.52 -0.57
C MET B 244 14.54 -6.32 0.60
N PRO B 245 13.72 -7.20 1.19
CA PRO B 245 14.26 -8.11 2.20
C PRO B 245 15.26 -9.08 1.58
N ILE B 246 16.18 -9.53 2.42
CA ILE B 246 17.18 -10.50 1.98
C ILE B 246 16.51 -11.76 1.45
N ARG B 247 15.49 -12.25 2.17
CA ARG B 247 14.75 -13.41 1.70
C ARG B 247 14.23 -13.19 0.28
N GLU B 248 13.86 -11.94 -0.06
CA GLU B 248 13.32 -11.69 -1.39
C GLU B 248 14.41 -11.51 -2.44
N ILE B 249 15.59 -11.04 -2.04
CA ILE B 249 16.72 -11.00 -2.95
C ILE B 249 17.11 -12.42 -3.37
N GLU B 250 17.27 -13.30 -2.39
CA GLU B 250 17.62 -14.69 -2.70
C GLU B 250 16.60 -15.31 -3.64
N GLU B 251 15.30 -15.15 -3.36
CA GLU B 251 14.29 -15.73 -4.24
C GLU B 251 14.37 -15.13 -5.66
N ALA B 252 14.60 -13.82 -5.77
CA ALA B 252 14.55 -13.18 -7.09
C ALA B 252 15.81 -13.44 -7.91
N THR B 253 16.99 -13.56 -7.29
CA THR B 253 18.17 -13.95 -8.04
C THR B 253 18.06 -15.40 -8.53
N LYS B 254 17.33 -16.24 -7.82
CA LYS B 254 17.15 -17.61 -8.30
C LYS B 254 16.33 -17.64 -9.58
N ILE B 255 15.24 -16.88 -9.64
CA ILE B 255 14.43 -16.79 -10.85
C ILE B 255 15.27 -16.20 -11.99
N LEU B 256 15.98 -15.11 -11.74
CA LEU B 256 16.79 -14.50 -12.79
C LEU B 256 17.81 -15.49 -13.30
N SER B 257 18.40 -16.25 -12.40
CA SER B 257 19.29 -17.34 -12.82
C SER B 257 18.60 -18.32 -13.76
N GLU B 258 17.36 -18.71 -13.45
CA GLU B 258 16.66 -19.63 -14.34
C GLU B 258 16.32 -19.01 -15.68
N LYS B 259 16.11 -17.70 -15.75
CA LYS B 259 15.82 -17.10 -17.05
C LYS B 259 17.08 -16.86 -17.86
N GLY B 260 18.25 -17.30 -17.37
CA GLY B 260 19.53 -17.04 -18.02
C GLY B 260 20.00 -15.59 -17.93
N LEU B 261 19.64 -14.88 -16.87
CA LEU B 261 19.94 -13.45 -16.77
C LEU B 261 21.00 -13.11 -15.73
N LEU B 262 21.50 -14.09 -14.97
CA LEU B 262 22.26 -13.78 -13.77
C LEU B 262 23.05 -15.01 -13.37
N ILE B 263 24.24 -14.79 -12.81
CA ILE B 263 25.06 -15.87 -12.28
C ILE B 263 25.37 -15.60 -10.81
N ASP B 264 25.09 -16.58 -9.94
CA ASP B 264 25.39 -16.48 -8.50
C ASP B 264 26.73 -17.15 -8.25
N ASN B 265 27.80 -16.40 -8.46
CA ASN B 265 29.17 -16.89 -8.29
C ASN B 265 29.55 -16.75 -6.82
N GLY B 266 29.44 -17.84 -6.08
CA GLY B 266 29.85 -17.88 -4.69
C GLY B 266 29.28 -16.78 -3.82
N GLN B 267 30.01 -15.67 -3.71
CA GLN B 267 29.66 -14.61 -2.76
C GLN B 267 28.67 -13.60 -3.33
N HIS B 268 28.89 -13.12 -4.55
CA HIS B 268 28.11 -12.03 -5.13
C HIS B 268 27.45 -12.46 -6.43
N TYR B 269 26.60 -11.58 -6.96
CA TYR B 269 25.85 -11.82 -8.19
C TYR B 269 26.38 -10.93 -9.32
N GLU B 270 26.32 -11.45 -10.54
CA GLU B 270 26.68 -10.71 -11.74
C GLU B 270 25.67 -11.03 -12.84
N LEU B 271 25.27 -10.02 -13.61
CA LEU B 271 24.41 -10.29 -14.75
C LEU B 271 25.18 -11.02 -15.85
N THR B 272 24.45 -11.75 -16.69
CA THR B 272 24.97 -12.24 -17.96
C THR B 272 24.78 -11.17 -19.04
N GLU B 273 25.17 -11.51 -20.26
CA GLU B 273 24.90 -10.61 -21.38
C GLU B 273 23.41 -10.46 -21.62
N GLN B 274 22.65 -11.56 -21.54
CA GLN B 274 21.20 -11.45 -21.61
C GLN B 274 20.65 -10.58 -20.48
N GLY B 275 21.16 -10.77 -19.27
CA GLY B 275 20.69 -9.95 -18.16
C GLY B 275 20.99 -8.47 -18.37
N ASN B 276 22.18 -8.16 -18.89
CA ASN B 276 22.51 -6.78 -19.20
C ASN B 276 21.57 -6.20 -20.25
N ALA B 277 21.32 -6.96 -21.33
CA ALA B 277 20.35 -6.51 -22.33
C ALA B 277 18.95 -6.32 -21.74
N CYS B 278 18.55 -7.15 -20.78
CA CYS B 278 17.22 -6.96 -20.20
C CYS B 278 17.17 -5.71 -19.33
N ALA B 279 18.23 -5.44 -18.58
CA ALA B 279 18.29 -4.19 -17.82
C ALA B 279 18.15 -3.00 -18.75
N HIS B 280 18.91 -2.98 -19.85
CA HIS B 280 18.85 -1.86 -20.78
C HIS B 280 17.50 -1.75 -21.46
N MET B 281 16.83 -2.88 -21.70
CA MET B 281 15.50 -2.82 -22.25
C MET B 281 14.54 -2.14 -21.27
N LEU B 282 14.68 -2.40 -19.97
CA LEU B 282 13.82 -1.75 -18.97
C LEU B 282 14.05 -0.23 -18.95
N TYR B 283 15.30 0.21 -19.13
CA TYR B 283 15.58 1.64 -19.20
C TYR B 283 14.91 2.29 -20.40
N LYS B 284 15.02 1.66 -21.58
CA LYS B 284 14.43 2.22 -22.78
C LYS B 284 12.92 2.32 -22.68
N ILE B 285 12.26 1.35 -22.02
CA ILE B 285 10.83 1.46 -21.78
C ILE B 285 10.50 2.71 -20.96
N ALA B 286 11.11 2.84 -19.78
CA ALA B 286 10.91 4.04 -18.96
C ALA B 286 11.15 5.31 -19.79
N GLU B 287 12.29 5.40 -20.46
CA GLU B 287 12.57 6.62 -21.21
C GLU B 287 11.65 6.81 -22.40
N SER B 288 10.90 5.78 -22.81
CA SER B 288 10.09 5.89 -24.03
C SER B 288 8.98 6.92 -23.88
N HIS B 289 8.32 6.94 -22.72
CA HIS B 289 7.17 7.81 -22.56
C HIS B 289 7.54 9.29 -22.67
N GLN B 290 8.61 9.70 -21.97
CA GLN B 290 9.01 11.12 -22.05
C GLN B 290 9.60 11.46 -23.41
N GLU B 291 10.27 10.52 -24.06
CA GLU B 291 10.72 10.74 -25.43
C GLU B 291 9.55 11.14 -26.32
N GLU B 292 8.46 10.39 -26.23
CA GLU B 292 7.27 10.68 -27.05
C GLU B 292 6.61 11.98 -26.63
N VAL B 293 6.42 12.18 -25.33
CA VAL B 293 5.65 13.32 -24.83
C VAL B 293 6.41 14.63 -25.02
N PHE B 294 7.74 14.59 -24.89
CA PHE B 294 8.61 15.76 -25.03
C PHE B 294 9.31 15.85 -26.38
N ALA B 295 8.86 15.07 -27.38
CA ALA B 295 9.57 15.06 -28.66
C ALA B 295 9.69 16.45 -29.26
N LYS B 296 8.72 17.33 -29.02
CA LYS B 296 8.71 18.66 -29.63
C LYS B 296 9.28 19.74 -28.72
N TYR B 297 9.99 19.37 -27.65
CA TYR B 297 10.68 20.33 -26.82
C TYR B 297 12.16 20.35 -27.16
N THR B 298 12.79 21.52 -27.04
CA THR B 298 14.21 21.61 -27.36
C THR B 298 15.03 20.85 -26.32
N VAL B 299 16.31 20.65 -26.65
CA VAL B 299 17.24 20.03 -25.70
C VAL B 299 17.37 20.92 -24.46
N ASP B 300 17.39 22.24 -24.66
CA ASP B 300 17.50 23.17 -23.54
C ASP B 300 16.29 23.07 -22.62
N GLU B 301 15.08 23.11 -23.17
CA GLU B 301 13.88 22.98 -22.35
C GLU B 301 13.91 21.68 -21.56
N ARG B 302 14.26 20.59 -22.22
CA ARG B 302 14.25 19.31 -21.52
C ARG B 302 15.34 19.27 -20.44
N LYS B 303 16.55 19.75 -20.76
CA LYS B 303 17.56 19.90 -19.73
C LYS B 303 17.05 20.72 -18.55
N LEU B 304 16.33 21.81 -18.85
CA LEU B 304 15.79 22.65 -17.79
C LEU B 304 14.78 21.90 -16.92
N PHE B 305 13.90 21.12 -17.55
CA PHE B 305 12.90 20.37 -16.81
C PHE B 305 13.56 19.43 -15.81
N LYS B 306 14.56 18.67 -16.26
CA LYS B 306 15.27 17.78 -15.34
C LYS B 306 15.89 18.55 -14.18
N ASN B 307 16.50 19.68 -14.46
CA ASN B 307 17.15 20.44 -13.39
C ASN B 307 16.13 20.93 -12.36
N MET B 308 14.95 21.34 -12.79
CA MET B 308 13.96 21.77 -11.82
C MET B 308 13.44 20.60 -11.02
N LEU B 309 13.41 19.41 -11.63
CA LEU B 309 13.07 18.20 -10.90
C LEU B 309 14.10 17.90 -9.82
N LYS B 310 15.38 17.95 -10.19
CA LYS B 310 16.44 17.78 -9.20
C LYS B 310 16.39 18.86 -8.13
N ASP B 311 15.88 20.06 -8.46
CA ASP B 311 15.78 21.10 -7.42
C ASP B 311 14.72 20.74 -6.39
N LEU B 312 13.55 20.26 -6.81
CA LEU B 312 12.56 19.76 -5.85
C LEU B 312 13.11 18.58 -5.05
N ILE B 313 13.85 17.68 -5.70
CA ILE B 313 14.39 16.55 -4.96
C ILE B 313 15.41 17.03 -3.93
N GLY B 314 16.12 18.12 -4.22
CA GLY B 314 17.25 18.51 -3.40
C GLY B 314 18.54 17.86 -3.82
N ILE B 315 18.68 17.48 -5.08
CA ILE B 315 19.97 17.07 -5.66
C ILE B 315 20.34 17.97 -6.85
N1 FMN C . -16.82 -6.00 5.38
C2 FMN C . -16.40 -7.07 6.11
O2 FMN C . -17.26 -7.79 6.68
N3 FMN C . -15.08 -7.39 6.23
C4 FMN C . -14.12 -6.66 5.62
O4 FMN C . -12.90 -6.94 5.72
C4A FMN C . -14.52 -5.47 4.84
N5 FMN C . -13.60 -4.71 4.22
C5A FMN C . -13.97 -3.64 3.47
C6 FMN C . -13.00 -2.87 2.83
C7 FMN C . -13.37 -1.77 2.06
C7M FMN C . -12.33 -0.95 1.35
C8 FMN C . -14.80 -1.43 1.93
C8M FMN C . -15.20 -0.24 1.09
C9 FMN C . -15.79 -2.20 2.54
C9A FMN C . -15.41 -3.30 3.31
N10 FMN C . -16.38 -4.07 3.97
C10 FMN C . -15.96 -5.18 4.74
C1' FMN C . -17.79 -3.71 3.84
C2' FMN C . -18.57 -4.65 2.96
O2' FMN C . -18.06 -4.66 1.63
C3' FMN C . -20.02 -4.21 2.98
O3' FMN C . -20.45 -4.17 4.34
C4' FMN C . -20.84 -5.28 2.27
O4' FMN C . -20.52 -5.30 0.85
C5' FMN C . -22.32 -5.05 2.54
O5' FMN C . -23.06 -6.08 1.86
P FMN C . -23.67 -7.34 2.67
O1P FMN C . -24.56 -7.94 1.60
O2P FMN C . -24.38 -6.75 3.87
O3P FMN C . -22.48 -8.18 3.06
C ACT D . -4.20 12.28 -0.40
O ACT D . -5.13 13.02 -0.81
OXT ACT D . -4.10 11.11 -0.79
CH3 ACT D . -3.43 12.69 0.81
H1 ACT D . -2.60 13.28 0.52
H2 ACT D . -3.09 11.82 1.32
H3 ACT D . -4.06 13.26 1.45
N1 FMN E . 7.51 -14.08 9.87
C2 FMN E . 6.34 -14.51 10.40
O2 FMN E . 6.37 -15.48 11.19
N3 FMN E . 5.14 -13.94 10.13
C4 FMN E . 5.03 -12.89 9.30
O4 FMN E . 3.91 -12.38 9.04
C4A FMN E . 6.26 -12.36 8.67
N5 FMN E . 6.24 -11.32 7.83
C5A FMN E . 7.39 -10.84 7.30
C6 FMN E . 7.30 -9.74 6.44
C7 FMN E . 8.45 -9.23 5.88
C7M FMN E . 8.33 -8.04 4.95
C8 FMN E . 9.77 -9.83 6.18
C8M FMN E . 11.00 -9.25 5.54
C9 FMN E . 9.87 -10.92 7.05
C9A FMN E . 8.71 -11.45 7.61
N10 FMN E . 8.76 -12.58 8.48
C10 FMN E . 7.55 -13.03 9.02
C1' FMN E . 10.03 -13.23 8.83
C2' FMN E . 10.40 -12.93 10.26
O2' FMN E . 10.66 -11.53 10.40
C3' FMN E . 11.64 -13.75 10.62
O3' FMN E . 11.32 -15.13 10.53
C4' FMN E . 12.09 -13.53 12.04
O4' FMN E . 12.47 -12.16 12.25
C5' FMN E . 13.24 -14.47 12.37
O5' FMN E . 13.50 -14.35 13.77
P FMN E . 12.93 -15.46 14.80
O1P FMN E . 11.42 -15.29 14.79
O2P FMN E . 13.64 -14.99 16.04
O3P FMN E . 13.31 -16.82 14.25
C ACT F . 10.00 -0.33 -8.70
O ACT F . 11.25 -0.30 -8.87
OXT ACT F . 9.46 -0.25 -7.57
CH3 ACT F . 9.12 -0.37 -9.93
H1 ACT F . 8.88 -1.38 -10.15
H2 ACT F . 9.63 0.06 -10.74
H3 ACT F . 8.22 0.16 -9.74
#